data_6X0T
#
_entry.id   6X0T
#
_cell.length_a   77.121
_cell.length_b   133.413
_cell.length_c   88.858
_cell.angle_alpha   90
_cell.angle_beta   104.4
_cell.angle_gamma   90
#
_symmetry.space_group_name_H-M   'C 1 2 1'
#
loop_
_entity.id
_entity.type
_entity.pdbx_description
1 polymer 'Coagulation factor XII'
2 non-polymer (2S)-1-(N,3-dicyclohexyl-D-alanyl)-4-[(4R,5S)-4-methyl-5-phenyl-4,5-dihydro-1,3-oxazol-2-yl]-N-[(thiophen-2-yl)methyl]piperazine-2-carboxamide
3 non-polymer 'SULFATE ION'
4 water water
#
_entity_poly.entity_id   1
_entity_poly.type   'polypeptide(L)'
_entity_poly.pdbx_seq_one_letter_code
;LSCGQRLRKSLSSMTRVVGGLVALRGAHPYIAALYWGHSFCAGSLIAPCWVLTAAHCLQDRPAPEDLTVVLGQERRNHSC
EPCQTLAVRSYRLHEAFSPVSYQHDLALLRLQEDADGSCALLSPYVQPVCLPSGAARPSETTLCQVAGWGHQFEGAEEYA
SFLQEAQVPFLSLERCSAPDVHGSSILPGMLCAGFLEGGTDACQGDSGGPLVCEDQAAERRLTLQGIISWGSGCGDRNKP
GVYTDVAYYLAWIREHTVS
;
_entity_poly.pdbx_strand_id   A,B,C
#
# COMPACT_ATOMS: atom_id res chain seq x y z
N LEU A 1 12.95 35.38 9.54
CA LEU A 1 13.03 34.04 10.14
C LEU A 1 13.35 32.97 9.10
N SER A 2 14.15 31.91 9.45
CA SER A 2 14.47 30.80 8.52
C SER A 2 13.19 30.13 7.99
N CYS A 3 12.19 30.02 8.84
CA CYS A 3 10.87 29.48 8.48
C CYS A 3 9.80 30.19 9.29
N GLY A 4 8.57 30.12 8.81
CA GLY A 4 7.41 30.63 9.51
C GLY A 4 7.24 32.13 9.50
N GLN A 5 8.02 32.85 8.69
CA GLN A 5 7.91 34.29 8.56
C GLN A 5 6.57 34.66 7.89
N ARG A 6 5.98 35.80 8.29
CA ARG A 6 4.73 36.22 7.74
C ARG A 6 4.82 37.74 7.48
N LEU A 7 4.38 38.19 6.31
CA LEU A 7 4.48 39.59 5.92
C LEU A 7 3.43 40.51 6.53
N ARG A 8 2.18 40.04 6.67
CA ARG A 8 1.09 40.89 7.15
C ARG A 8 0.02 40.10 7.87
N VAL A 17 -13.22 27.67 3.20
CA VAL A 17 -13.22 28.05 4.62
C VAL A 17 -14.49 28.78 4.91
N VAL A 18 -15.28 28.32 5.88
CA VAL A 18 -16.51 29.00 6.25
C VAL A 18 -16.23 29.90 7.47
N GLY A 19 -16.75 31.11 7.46
CA GLY A 19 -16.57 32.08 8.54
C GLY A 19 -15.19 32.70 8.61
N GLY A 20 -14.51 32.76 7.47
CA GLY A 20 -13.18 33.33 7.41
C GLY A 20 -13.17 34.74 6.82
N LEU A 21 -11.96 35.30 6.69
CA LEU A 21 -11.72 36.61 6.07
C LEU A 21 -10.65 36.45 5.00
N VAL A 22 -10.57 37.41 4.09
CA VAL A 22 -9.54 37.38 3.03
C VAL A 22 -8.12 37.39 3.62
N ALA A 23 -7.23 36.57 3.05
CA ALA A 23 -5.81 36.51 3.41
C ALA A 23 -5.04 36.99 2.18
N LEU A 24 -4.57 38.24 2.24
CA LEU A 24 -3.84 38.82 1.13
C LEU A 24 -2.40 38.29 1.03
N ARG A 25 -1.73 38.55 -0.11
CA ARG A 25 -0.37 38.12 -0.35
C ARG A 25 0.57 38.40 0.82
N GLY A 26 1.30 37.38 1.23
CA GLY A 26 2.21 37.53 2.36
C GLY A 26 1.63 37.09 3.69
N ALA A 27 0.31 36.90 3.79
CA ALA A 27 -0.31 36.44 5.05
C ALA A 27 0.00 34.95 5.32
N HIS A 28 0.15 34.17 4.25
CA HIS A 28 0.47 32.75 4.33
C HIS A 28 1.48 32.47 3.24
N PRO A 29 2.72 32.96 3.39
CA PRO A 29 3.67 32.88 2.29
C PRO A 29 4.03 31.47 1.87
N TYR A 30 3.80 30.49 2.75
CA TYR A 30 4.10 29.07 2.48
C TYR A 30 2.99 28.38 1.66
N ILE A 31 1.79 28.98 1.54
CA ILE A 31 0.69 28.22 0.94
C ILE A 31 0.94 27.96 -0.55
N ALA A 32 0.66 26.72 -0.97
CA ALA A 32 0.86 26.30 -2.35
C ALA A 32 -0.48 25.90 -2.96
N ALA A 33 -0.66 26.20 -4.25
CA ALA A 33 -1.86 25.80 -4.95
C ALA A 33 -1.42 24.72 -5.96
N LEU A 34 -2.08 23.56 -5.98
CA LEU A 34 -1.75 22.44 -6.86
C LEU A 34 -2.88 22.24 -7.87
N TYR A 35 -2.50 22.28 -9.15
CA TYR A 35 -3.48 22.15 -10.22
C TYR A 35 -3.15 21.04 -11.19
N TRP A 36 -4.17 20.35 -11.66
CA TRP A 36 -4.06 19.33 -12.72
C TRP A 36 -5.44 19.07 -13.28
N GLY A 37 -5.58 19.07 -14.61
CA GLY A 37 -6.88 18.85 -15.25
C GLY A 37 -7.93 19.83 -14.78
N HIS A 38 -9.03 19.33 -14.23
CA HIS A 38 -10.06 20.19 -13.64
C HIS A 38 -10.04 20.09 -12.09
N SER A 39 -8.97 19.52 -11.51
CA SER A 39 -8.82 19.28 -10.09
C SER A 39 -7.90 20.28 -9.42
N PHE A 40 -8.08 20.45 -8.12
CA PHE A 40 -7.27 21.38 -7.36
C PHE A 40 -7.12 20.88 -5.93
N CYS A 41 -5.97 21.19 -5.34
CA CYS A 41 -5.69 20.98 -3.94
C CYS A 41 -4.71 22.04 -3.43
N ALA A 42 -4.72 22.27 -2.10
CA ALA A 42 -3.77 23.20 -1.51
C ALA A 42 -2.62 22.39 -0.85
N GLY A 43 -1.55 23.07 -0.46
CA GLY A 43 -0.42 22.45 0.22
C GLY A 43 0.38 23.48 0.98
N SER A 44 1.45 23.05 1.62
CA SER A 44 2.32 23.95 2.35
C SER A 44 3.76 23.72 1.99
N LEU A 45 4.45 24.76 1.60
CA LEU A 45 5.87 24.70 1.29
C LEU A 45 6.60 24.52 2.64
N ILE A 46 7.22 23.35 2.85
CA ILE A 46 7.97 23.08 4.08
C ILE A 46 9.49 23.20 3.92
N ALA A 47 9.96 23.36 2.69
CA ALA A 47 11.37 23.52 2.31
C ALA A 47 11.37 24.05 0.86
N PRO A 48 12.47 24.61 0.32
CA PRO A 48 12.40 25.16 -1.05
C PRO A 48 11.94 24.18 -2.14
N CYS A 49 12.19 22.86 -1.98
CA CYS A 49 11.75 21.89 -2.99
C CYS A 49 10.62 20.97 -2.54
N TRP A 50 10.03 21.21 -1.36
CA TRP A 50 9.05 20.28 -0.81
C TRP A 50 7.77 20.92 -0.38
N VAL A 51 6.67 20.30 -0.78
CA VAL A 51 5.33 20.71 -0.43
C VAL A 51 4.59 19.56 0.24
N LEU A 52 3.97 19.83 1.39
CA LEU A 52 3.24 18.81 2.14
C LEU A 52 1.77 19.07 1.85
N THR A 53 1.07 18.06 1.35
CA THR A 53 -0.34 18.11 1.04
C THR A 53 -1.09 16.87 1.64
N ALA A 54 -2.37 16.66 1.28
CA ALA A 54 -3.13 15.52 1.72
C ALA A 54 -2.93 14.41 0.69
N ALA A 55 -2.91 13.16 1.13
CA ALA A 55 -2.83 12.02 0.22
C ALA A 55 -4.13 11.84 -0.59
N HIS A 56 -5.27 12.17 0.00
CA HIS A 56 -6.57 11.95 -0.67
C HIS A 56 -6.72 12.74 -1.98
N CYS A 57 -5.96 13.84 -2.12
CA CYS A 57 -5.92 14.67 -3.33
C CYS A 57 -5.37 13.89 -4.52
N LEU A 58 -4.40 13.01 -4.26
CA LEU A 58 -3.68 12.31 -5.30
C LEU A 58 -4.02 10.81 -5.40
N GLN A 59 -5.16 10.37 -4.82
CA GLN A 59 -5.67 8.99 -4.83
C GLN A 59 -5.72 8.41 -6.25
N ASP A 60 -6.22 9.20 -7.22
CA ASP A 60 -6.30 8.73 -8.61
C ASP A 60 -4.94 8.67 -9.32
N ARG A 61 -3.87 9.08 -8.67
CA ARG A 61 -2.52 9.00 -9.22
C ARG A 61 -2.31 9.71 -10.56
N PRO A 62 -2.61 11.01 -10.63
CA PRO A 62 -2.26 11.76 -11.85
C PRO A 62 -0.74 11.72 -12.07
N ALA A 63 -0.28 11.78 -13.33
CA ALA A 63 1.15 11.77 -13.61
C ALA A 63 1.79 13.05 -13.08
N PRO A 64 3.00 12.98 -12.48
CA PRO A 64 3.65 14.20 -11.98
C PRO A 64 3.77 15.32 -13.01
N GLU A 65 4.01 14.95 -14.29
CA GLU A 65 4.15 15.91 -15.37
C GLU A 65 2.85 16.73 -15.63
N ASP A 66 1.70 16.21 -15.19
CA ASP A 66 0.44 16.92 -15.33
C ASP A 66 0.14 17.93 -14.24
N LEU A 67 0.98 17.96 -13.19
CA LEU A 67 0.80 18.84 -12.04
C LEU A 67 1.55 20.14 -12.18
N THR A 68 0.93 21.18 -11.62
CA THR A 68 1.53 22.48 -11.55
C THR A 68 1.34 22.99 -10.12
N VAL A 69 2.42 23.47 -9.51
CA VAL A 69 2.34 24.09 -8.17
C VAL A 69 2.51 25.59 -8.36
N VAL A 70 1.64 26.39 -7.74
CA VAL A 70 1.78 27.83 -7.80
C VAL A 70 1.98 28.40 -6.39
N LEU A 71 3.07 29.10 -6.19
CA LEU A 71 3.40 29.78 -4.95
C LEU A 71 3.16 31.29 -5.06
N GLY A 72 2.82 31.91 -3.95
CA GLY A 72 2.60 33.36 -3.92
C GLY A 72 1.22 33.84 -4.30
N GLN A 73 0.23 32.93 -4.47
CA GLN A 73 -1.11 33.31 -4.88
C GLN A 73 -1.96 33.97 -3.80
N GLU A 74 -2.78 34.93 -4.27
CA GLU A 74 -3.76 35.61 -3.46
C GLU A 74 -5.10 35.16 -4.07
N ARG A 75 -5.36 35.53 -5.33
CA ARG A 75 -6.54 35.04 -6.04
C ARG A 75 -6.03 33.87 -6.90
N ARG A 76 -6.74 32.72 -6.87
CA ARG A 76 -6.32 31.56 -7.67
C ARG A 76 -6.39 31.82 -9.19
N ASN A 77 -7.40 32.57 -9.63
CA ASN A 77 -7.68 32.74 -11.05
C ASN A 77 -6.81 33.77 -11.78
N HIS A 78 -6.18 34.70 -11.06
CA HIS A 78 -5.37 35.72 -11.71
C HIS A 78 -3.99 35.25 -12.08
N SER A 79 -3.50 35.72 -13.24
CA SER A 79 -2.10 35.54 -13.59
C SER A 79 -1.37 36.57 -12.71
N CYS A 80 -0.18 36.25 -12.24
CA CYS A 80 0.50 37.10 -11.28
C CYS A 80 1.98 37.00 -11.57
N GLU A 81 2.59 38.12 -11.97
CA GLU A 81 3.99 38.16 -12.38
C GLU A 81 4.96 37.64 -11.30
N PRO A 82 4.85 38.08 -10.02
CA PRO A 82 5.76 37.56 -9.00
C PRO A 82 5.50 36.12 -8.55
N CYS A 83 4.30 35.58 -8.84
CA CYS A 83 3.96 34.21 -8.45
C CYS A 83 4.88 33.21 -9.14
N GLN A 84 5.23 32.12 -8.46
CA GLN A 84 6.14 31.14 -9.03
C GLN A 84 5.40 29.90 -9.39
N THR A 85 5.49 29.50 -10.65
CA THR A 85 4.82 28.29 -11.13
C THR A 85 5.92 27.24 -11.27
N LEU A 86 5.73 26.09 -10.64
CA LEU A 86 6.75 25.04 -10.68
C LEU A 86 6.17 23.72 -11.08
N ALA A 87 6.96 22.93 -11.79
CA ALA A 87 6.57 21.58 -12.16
C ALA A 87 6.83 20.68 -10.93
N VAL A 88 6.24 19.48 -10.92
CA VAL A 88 6.40 18.51 -9.85
C VAL A 88 7.24 17.36 -10.43
N ARG A 89 8.38 17.07 -9.82
CA ARG A 89 9.31 16.01 -10.22
C ARG A 89 8.76 14.64 -9.84
N SER A 90 8.21 14.55 -8.63
CA SER A 90 7.63 13.31 -8.13
C SER A 90 6.82 13.59 -6.88
N TYR A 91 5.99 12.64 -6.48
CA TYR A 91 5.24 12.76 -5.25
C TYR A 91 5.18 11.44 -4.51
N ARG A 92 4.98 11.51 -3.20
CA ARG A 92 4.94 10.33 -2.36
C ARG A 92 3.77 10.45 -1.43
N LEU A 93 2.79 9.56 -1.55
CA LEU A 93 1.69 9.55 -0.60
C LEU A 93 2.21 8.74 0.58
N HIS A 94 1.62 8.92 1.79
CA HIS A 94 1.97 8.06 2.92
C HIS A 94 1.52 6.62 2.52
N GLU A 95 2.43 5.67 2.59
CA GLU A 95 2.19 4.28 2.19
C GLU A 95 1.01 3.61 2.91
N ALA A 96 0.63 4.15 4.08
CA ALA A 96 -0.48 3.64 4.89
C ALA A 96 -1.80 4.35 4.69
N PHE A 97 -1.86 5.36 3.76
CA PHE A 97 -3.11 6.08 3.53
C PHE A 97 -4.26 5.13 3.17
N SER A 98 -5.38 5.27 3.88
CA SER A 98 -6.57 4.49 3.67
C SER A 98 -7.67 5.37 3.08
N PRO A 99 -8.11 5.10 1.84
CA PRO A 99 -9.24 5.89 1.27
C PRO A 99 -10.59 5.68 1.99
N VAL A 100 -10.67 4.68 2.89
CA VAL A 100 -11.90 4.41 3.61
C VAL A 100 -11.99 5.22 4.90
N SER A 101 -10.96 5.18 5.74
CA SER A 101 -10.98 5.89 7.03
C SER A 101 -10.34 7.29 6.97
N TYR A 102 -9.50 7.51 5.96
CA TYR A 102 -8.66 8.71 5.75
C TYR A 102 -7.49 8.79 6.73
N GLN A 103 -7.15 7.65 7.39
CA GLN A 103 -5.99 7.64 8.27
C GLN A 103 -4.75 7.76 7.39
N HIS A 104 -3.72 8.42 7.92
CA HIS A 104 -2.45 8.62 7.29
C HIS A 104 -2.62 9.46 6.03
N ASP A 105 -3.42 10.56 6.15
CA ASP A 105 -3.72 11.42 5.01
C ASP A 105 -2.68 12.51 4.79
N LEU A 106 -1.56 12.14 4.24
CA LEU A 106 -0.48 13.08 3.97
C LEU A 106 0.35 12.64 2.80
N ALA A 107 0.87 13.62 2.05
CA ALA A 107 1.67 13.37 0.87
C ALA A 107 2.70 14.46 0.67
N LEU A 108 3.85 14.12 0.14
CA LEU A 108 4.90 15.06 -0.20
C LEU A 108 5.02 15.24 -1.72
N LEU A 109 5.16 16.49 -2.18
CA LEU A 109 5.40 16.77 -3.60
C LEU A 109 6.82 17.27 -3.67
N ARG A 110 7.64 16.65 -4.52
CA ARG A 110 8.99 17.11 -4.73
C ARG A 110 8.94 18.02 -5.95
N LEU A 111 9.17 19.32 -5.75
CA LEU A 111 9.13 20.28 -6.83
C LEU A 111 10.32 20.06 -7.77
N GLN A 112 10.14 20.40 -9.04
CA GLN A 112 11.19 20.26 -10.04
C GLN A 112 12.22 21.37 -9.91
N GLU A 113 13.48 21.01 -9.66
CA GLU A 113 14.55 22.00 -9.56
C GLU A 113 14.97 22.45 -10.95
N ASP A 114 15.50 23.68 -11.04
CA ASP A 114 15.98 24.20 -12.32
C ASP A 114 17.43 23.71 -12.57
N ALA A 115 18.04 24.10 -13.69
CA ALA A 115 19.41 23.73 -14.05
C ALA A 115 20.43 24.00 -12.92
N ASP A 116 20.12 24.94 -12.03
CA ASP A 116 21.00 25.32 -10.92
C ASP A 116 20.66 24.68 -9.57
N GLY A 117 19.69 23.77 -9.52
CA GLY A 117 19.29 23.09 -8.29
C GLY A 117 18.33 23.89 -7.41
N SER A 118 17.72 24.92 -7.96
CA SER A 118 16.80 25.77 -7.21
C SER A 118 15.33 25.45 -7.51
N CYS A 119 14.46 25.46 -6.49
CA CYS A 119 13.03 25.26 -6.69
C CYS A 119 12.34 26.60 -6.33
N ALA A 120 11.75 26.74 -5.14
CA ALA A 120 11.11 27.98 -4.74
C ALA A 120 12.16 29.02 -4.41
N LEU A 121 12.00 30.23 -4.95
CA LEU A 121 12.88 31.35 -4.67
C LEU A 121 12.22 32.11 -3.54
N LEU A 122 12.90 32.23 -2.40
CA LEU A 122 12.30 32.87 -1.25
C LEU A 122 12.23 34.38 -1.40
N SER A 123 11.13 34.95 -0.92
CA SER A 123 10.85 36.38 -0.97
C SER A 123 9.93 36.77 0.21
N PRO A 124 9.60 38.07 0.43
CA PRO A 124 8.62 38.42 1.48
C PRO A 124 7.27 37.72 1.30
N TYR A 125 6.95 37.29 0.08
CA TYR A 125 5.67 36.68 -0.24
C TYR A 125 5.74 35.14 -0.36
N VAL A 126 6.95 34.55 -0.43
CA VAL A 126 7.12 33.09 -0.54
C VAL A 126 8.18 32.63 0.47
N GLN A 127 7.77 31.91 1.51
CA GLN A 127 8.62 31.48 2.59
C GLN A 127 8.13 30.13 3.09
N PRO A 128 9.03 29.19 3.45
CA PRO A 128 8.56 27.91 4.00
C PRO A 128 7.95 28.09 5.39
N VAL A 129 7.06 27.18 5.74
CA VAL A 129 6.42 27.16 7.05
C VAL A 129 7.22 26.22 7.97
N CYS A 130 7.26 26.48 9.28
CA CYS A 130 8.00 25.60 10.18
C CYS A 130 7.25 24.33 10.42
N LEU A 131 7.97 23.24 10.68
CA LEU A 131 7.35 22.00 11.12
C LEU A 131 7.37 22.02 12.67
N PRO A 132 6.46 21.32 13.36
CA PRO A 132 6.49 21.33 14.84
C PRO A 132 7.76 20.74 15.44
N SER A 133 8.19 21.21 16.64
CA SER A 133 9.38 20.70 17.35
C SER A 133 9.38 21.08 18.84
N LEU A 143 -3.98 32.57 17.43
CA LEU A 143 -2.98 31.53 17.62
C LEU A 143 -3.00 30.57 16.42
N CYS A 144 -4.10 29.80 16.20
CA CYS A 144 -4.17 28.87 15.07
C CYS A 144 -5.20 29.26 14.04
N GLN A 145 -4.82 29.07 12.77
CA GLN A 145 -5.67 29.42 11.67
C GLN A 145 -5.69 28.36 10.58
N VAL A 146 -6.83 28.23 9.93
CA VAL A 146 -6.98 27.34 8.78
C VAL A 146 -7.11 28.29 7.56
N ALA A 147 -6.50 27.93 6.43
CA ALA A 147 -6.56 28.78 5.24
C ALA A 147 -6.82 28.00 3.98
N GLY A 148 -7.51 28.62 3.04
CA GLY A 148 -7.79 27.95 1.77
C GLY A 148 -8.72 28.67 0.82
N TRP A 149 -8.80 28.16 -0.38
CA TRP A 149 -9.66 28.72 -1.43
C TRP A 149 -10.92 27.89 -1.65
N GLY A 150 -11.29 27.04 -0.70
CA GLY A 150 -12.47 26.20 -0.84
C GLY A 150 -13.78 26.92 -0.68
N HIS A 151 -14.88 26.17 -0.71
CA HIS A 151 -16.23 26.68 -0.58
C HIS A 151 -16.41 27.46 0.72
N GLN A 152 -17.07 28.63 0.65
CA GLN A 152 -17.31 29.44 1.84
C GLN A 152 -18.53 28.97 2.66
N PHE A 153 -19.22 27.94 2.18
CA PHE A 153 -20.36 27.27 2.83
C PHE A 153 -20.61 25.97 2.07
N GLU A 154 -21.04 24.91 2.77
CA GLU A 154 -21.31 23.63 2.12
C GLU A 154 -22.35 23.80 1.00
N GLY A 155 -22.06 23.24 -0.16
CA GLY A 155 -22.96 23.37 -1.29
C GLY A 155 -22.71 24.61 -2.14
N ALA A 156 -21.69 25.43 -1.83
CA ALA A 156 -21.39 26.63 -2.63
C ALA A 156 -21.08 26.23 -4.07
N GLU A 157 -21.58 26.99 -5.03
CA GLU A 157 -21.35 26.66 -6.43
C GLU A 157 -19.91 26.92 -6.86
N GLU A 158 -19.19 27.84 -6.18
CA GLU A 158 -17.83 28.17 -6.56
C GLU A 158 -16.83 28.19 -5.41
N TYR A 159 -15.56 27.94 -5.74
CA TYR A 159 -14.47 28.05 -4.78
C TYR A 159 -14.28 29.55 -4.51
N ALA A 160 -13.71 29.88 -3.35
CA ALA A 160 -13.46 31.30 -3.04
C ALA A 160 -12.45 31.90 -4.03
N SER A 161 -12.68 33.16 -4.43
CA SER A 161 -11.77 33.82 -5.39
C SER A 161 -10.49 34.23 -4.68
N PHE A 162 -10.60 34.79 -3.48
CA PHE A 162 -9.43 35.17 -2.70
C PHE A 162 -9.18 34.09 -1.65
N LEU A 163 -7.92 33.88 -1.28
CA LEU A 163 -7.56 33.01 -0.15
C LEU A 163 -8.32 33.45 1.13
N GLN A 164 -8.92 32.51 1.86
CA GLN A 164 -9.63 32.79 3.10
C GLN A 164 -8.82 32.21 4.25
N GLU A 165 -9.00 32.82 5.43
CA GLU A 165 -8.33 32.40 6.65
C GLU A 165 -9.34 32.50 7.78
N ALA A 166 -9.32 31.54 8.71
CA ALA A 166 -10.19 31.60 9.87
C ALA A 166 -9.46 31.10 11.09
N GLN A 167 -9.74 31.70 12.25
CA GLN A 167 -9.07 31.31 13.47
C GLN A 167 -9.85 30.17 14.11
N VAL A 168 -9.18 29.04 14.33
CA VAL A 168 -9.82 27.87 14.93
C VAL A 168 -8.91 27.28 16.00
N PRO A 169 -9.48 26.96 17.18
CA PRO A 169 -8.66 26.37 18.24
C PRO A 169 -8.60 24.84 18.16
N PHE A 170 -7.59 24.25 18.79
CA PHE A 170 -7.51 22.80 18.86
C PHE A 170 -8.62 22.25 19.72
N LEU A 171 -9.08 21.04 19.41
CA LEU A 171 -10.05 20.36 20.24
C LEU A 171 -9.38 19.08 20.69
N SER A 172 -9.45 18.77 21.99
CA SER A 172 -8.81 17.58 22.52
C SER A 172 -9.36 16.30 21.88
N LEU A 173 -8.56 15.23 21.85
CA LEU A 173 -8.99 13.92 21.34
C LEU A 173 -10.20 13.42 22.16
N GLU A 174 -10.23 13.70 23.47
CA GLU A 174 -11.36 13.35 24.32
C GLU A 174 -12.66 13.99 23.83
N ARG A 175 -12.63 15.30 23.52
CA ARG A 175 -13.84 15.97 23.04
C ARG A 175 -14.21 15.59 21.59
N CYS A 176 -13.22 15.47 20.69
CA CYS A 176 -13.52 15.12 19.29
C CYS A 176 -13.99 13.69 19.09
N SER A 177 -13.50 12.77 19.92
CA SER A 177 -13.91 11.38 19.81
C SER A 177 -15.20 11.05 20.57
N ALA A 178 -15.91 12.08 21.11
CA ALA A 178 -17.18 11.86 21.80
C ALA A 178 -18.22 11.36 20.76
N PRO A 179 -19.25 10.59 21.18
CA PRO A 179 -20.19 10.05 20.20
C PRO A 179 -21.00 11.09 19.40
N ASP A 180 -21.30 12.25 20.02
CA ASP A 180 -22.05 13.29 19.29
C ASP A 180 -21.12 14.14 18.37
N VAL A 181 -19.79 13.99 18.51
CA VAL A 181 -18.83 14.70 17.66
C VAL A 181 -18.39 13.74 16.51
N HIS A 182 -17.21 13.07 16.55
CA HIS A 182 -16.78 12.15 15.50
C HIS A 182 -16.60 10.71 15.95
N GLY A 183 -16.79 10.42 17.24
CA GLY A 183 -16.69 9.07 17.77
C GLY A 183 -15.43 8.31 17.41
N SER A 184 -15.60 7.05 17.01
CA SER A 184 -14.49 6.16 16.63
C SER A 184 -13.83 6.52 15.29
N SER A 185 -14.31 7.57 14.59
CA SER A 185 -13.72 7.98 13.32
C SER A 185 -12.36 8.66 13.50
N ILE A 186 -12.09 9.23 14.70
CA ILE A 186 -10.83 9.87 14.97
C ILE A 186 -9.80 8.82 15.33
N LEU A 187 -8.83 8.62 14.44
CA LEU A 187 -7.80 7.61 14.60
C LEU A 187 -6.43 8.24 14.85
N PRO A 188 -5.46 7.47 15.38
CA PRO A 188 -4.11 8.01 15.56
C PRO A 188 -3.56 8.64 14.27
N GLY A 189 -2.99 9.82 14.43
CA GLY A 189 -2.49 10.59 13.29
C GLY A 189 -3.41 11.74 12.90
N MET A 190 -4.64 11.76 13.43
CA MET A 190 -5.63 12.81 13.17
C MET A 190 -5.75 13.72 14.40
N LEU A 191 -6.19 14.96 14.14
CA LEU A 191 -6.50 15.92 15.18
C LEU A 191 -7.71 16.72 14.73
N CYS A 192 -8.40 17.33 15.68
CA CYS A 192 -9.55 18.16 15.34
C CYS A 192 -9.28 19.58 15.76
N ALA A 193 -9.85 20.50 15.00
CA ALA A 193 -9.71 21.90 15.28
C ALA A 193 -10.97 22.59 14.85
N GLY A 194 -11.42 23.53 15.66
CA GLY A 194 -12.63 24.26 15.36
C GLY A 194 -13.51 24.50 16.56
N PHE A 195 -14.81 24.55 16.30
CA PHE A 195 -15.77 24.88 17.35
C PHE A 195 -16.89 23.91 17.36
N LEU A 196 -17.27 23.46 18.56
CA LEU A 196 -18.46 22.61 18.67
C LEU A 196 -19.75 23.42 18.40
N GLU A 197 -19.69 24.75 18.53
CA GLU A 197 -20.82 25.62 18.19
C GLU A 197 -21.03 25.72 16.66
N GLY A 198 -19.99 25.41 15.88
CA GLY A 198 -20.00 25.51 14.42
C GLY A 198 -19.71 26.91 13.94
N GLY A 199 -20.00 27.17 12.65
CA GLY A 199 -19.87 28.47 12.03
C GLY A 199 -18.54 28.82 11.40
N THR A 200 -17.44 28.21 11.87
CA THR A 200 -16.07 28.48 11.40
C THR A 200 -15.33 27.17 11.21
N ASP A 201 -14.83 26.91 9.98
CA ASP A 201 -14.23 25.61 9.70
C ASP A 201 -13.68 25.54 8.26
N ALA A 202 -12.97 24.47 7.94
CA ALA A 202 -12.57 24.16 6.57
C ALA A 202 -13.82 23.63 5.82
N CYS A 203 -13.75 23.58 4.49
CA CYS A 203 -14.87 23.07 3.69
C CYS A 203 -14.31 22.41 2.41
N GLN A 204 -15.17 21.86 1.54
CA GLN A 204 -14.76 21.28 0.27
C GLN A 204 -13.90 22.24 -0.54
N GLY A 205 -12.78 21.77 -1.02
CA GLY A 205 -11.85 22.60 -1.76
C GLY A 205 -10.65 23.07 -0.95
N ASP A 206 -10.74 22.94 0.40
CA ASP A 206 -9.62 23.30 1.29
C ASP A 206 -8.63 22.13 1.50
N SER A 207 -8.94 20.95 0.95
CA SER A 207 -8.11 19.74 1.00
C SER A 207 -6.64 20.01 0.83
N GLY A 208 -5.84 19.48 1.74
CA GLY A 208 -4.40 19.61 1.64
C GLY A 208 -3.82 20.88 2.23
N GLY A 209 -4.68 21.86 2.49
CA GLY A 209 -4.25 23.14 3.02
C GLY A 209 -3.78 23.09 4.46
N PRO A 210 -3.38 24.25 4.97
CA PRO A 210 -2.79 24.30 6.31
C PRO A 210 -3.70 24.64 7.47
N LEU A 211 -3.26 24.16 8.64
CA LEU A 211 -3.71 24.55 9.95
C LEU A 211 -2.40 25.01 10.57
N VAL A 212 -2.15 26.31 10.65
CA VAL A 212 -0.88 26.82 11.16
C VAL A 212 -1.08 27.53 12.49
N CYS A 213 -0.10 27.44 13.37
CA CYS A 213 -0.15 28.14 14.66
C CYS A 213 1.06 29.06 14.79
N GLU A 214 0.94 30.14 15.60
CA GLU A 214 2.11 31.01 15.84
C GLU A 214 2.84 30.37 17.03
N ASP A 215 4.08 29.92 16.85
CA ASP A 215 4.81 29.31 17.95
C ASP A 215 5.32 30.39 18.90
N GLN A 216 4.62 30.62 20.02
CA GLN A 216 5.03 31.63 21.02
C GLN A 216 6.47 31.42 21.50
N ALA A 217 6.88 30.16 21.70
CA ALA A 217 8.23 29.84 22.13
C ALA A 217 9.32 30.14 21.09
N ALA A 218 8.92 30.38 19.83
CA ALA A 218 9.86 30.63 18.74
C ALA A 218 9.52 31.90 17.95
N GLU A 219 9.32 33.03 18.67
CA GLU A 219 9.06 34.34 18.09
C GLU A 219 7.82 34.41 17.20
N ARG A 220 6.78 33.65 17.56
CA ARG A 220 5.48 33.59 16.86
C ARG A 220 5.58 33.05 15.41
N ARG A 221 6.66 32.31 15.09
CA ARG A 221 6.82 31.79 13.74
C ARG A 221 5.71 30.82 13.38
N LEU A 222 5.15 30.96 12.18
CA LEU A 222 4.09 30.09 11.68
C LEU A 222 4.57 28.63 11.63
N THR A 223 3.83 27.74 12.24
CA THR A 223 4.19 26.33 12.39
C THR A 223 3.00 25.50 11.93
N LEU A 224 3.27 24.55 11.02
CA LEU A 224 2.25 23.71 10.43
C LEU A 224 1.86 22.60 11.42
N GLN A 225 0.68 22.70 12.00
CA GLN A 225 0.20 21.69 12.96
C GLN A 225 -0.70 20.65 12.32
N GLY A 226 -1.42 21.03 11.28
CA GLY A 226 -2.29 20.08 10.61
C GLY A 226 -2.45 20.32 9.14
N ILE A 227 -2.92 19.28 8.44
CA ILE A 227 -3.22 19.28 7.02
C ILE A 227 -4.71 19.05 6.90
N ILE A 228 -5.45 19.92 6.18
CA ILE A 228 -6.90 19.78 6.02
C ILE A 228 -7.22 18.45 5.33
N SER A 229 -7.89 17.56 6.07
CA SER A 229 -8.16 16.19 5.63
C SER A 229 -9.64 15.91 5.32
N TRP A 230 -10.52 15.93 6.33
CA TRP A 230 -11.91 15.61 6.10
C TRP A 230 -12.84 16.22 7.13
N GLY A 231 -14.13 16.24 6.80
CA GLY A 231 -15.14 16.74 7.71
C GLY A 231 -16.52 16.23 7.38
N SER A 232 -17.39 16.26 8.36
CA SER A 232 -18.78 15.87 8.19
C SER A 232 -19.46 17.21 8.09
N GLY A 233 -19.69 17.68 6.87
CA GLY A 233 -20.24 19.01 6.65
C GLY A 233 -19.16 20.08 6.79
N CYS A 234 -19.58 21.34 6.77
CA CYS A 234 -18.69 22.47 6.92
C CYS A 234 -19.29 23.42 7.95
N GLY A 235 -18.64 23.56 9.10
CA GLY A 235 -19.13 24.46 10.12
C GLY A 235 -20.42 24.02 10.80
N ASP A 236 -20.73 22.71 10.76
CA ASP A 236 -21.92 22.20 11.43
C ASP A 236 -21.67 22.12 12.94
N ARG A 237 -22.74 22.17 13.74
CA ARG A 237 -22.61 22.00 15.19
C ARG A 237 -22.05 20.60 15.49
N ASN A 238 -21.11 20.52 16.43
CA ASN A 238 -20.48 19.26 16.85
C ASN A 238 -19.71 18.54 15.77
N LYS A 239 -19.44 19.19 14.63
CA LYS A 239 -18.69 18.55 13.56
C LYS A 239 -17.51 19.40 13.12
N PRO A 240 -16.48 19.51 13.97
CA PRO A 240 -15.29 20.29 13.58
C PRO A 240 -14.45 19.55 12.54
N GLY A 241 -13.68 20.29 11.78
CA GLY A 241 -12.79 19.72 10.79
C GLY A 241 -11.74 18.80 11.37
N VAL A 242 -11.39 17.77 10.61
CA VAL A 242 -10.37 16.79 10.97
C VAL A 242 -9.17 16.99 10.08
N TYR A 243 -8.04 17.05 10.72
CA TYR A 243 -6.76 17.35 10.10
C TYR A 243 -5.79 16.23 10.35
N THR A 244 -4.82 16.08 9.46
CA THR A 244 -3.72 15.16 9.69
C THR A 244 -2.81 15.90 10.70
N ASP A 245 -2.45 15.21 11.77
CA ASP A 245 -1.59 15.72 12.84
C ASP A 245 -0.14 15.64 12.37
N VAL A 246 0.40 16.76 11.90
CA VAL A 246 1.75 16.83 11.35
C VAL A 246 2.83 16.39 12.32
N ALA A 247 2.69 16.74 13.63
CA ALA A 247 3.69 16.32 14.62
C ALA A 247 3.80 14.78 14.70
N TYR A 248 2.67 14.09 14.50
CA TYR A 248 2.61 12.62 14.52
C TYR A 248 3.49 11.98 13.44
N TYR A 249 3.67 12.69 12.31
CA TYR A 249 4.45 12.21 11.17
C TYR A 249 5.78 12.87 10.97
N LEU A 250 6.29 13.63 11.94
CA LEU A 250 7.58 14.32 11.80
C LEU A 250 8.72 13.48 11.28
N ALA A 251 8.90 12.24 11.82
CA ALA A 251 10.01 11.41 11.38
C ALA A 251 9.80 10.94 9.95
N TRP A 252 8.55 10.63 9.59
CA TRP A 252 8.24 10.22 8.22
C TRP A 252 8.56 11.37 7.25
N ILE A 253 8.13 12.60 7.60
CA ILE A 253 8.40 13.78 6.77
C ILE A 253 9.89 14.00 6.62
N ARG A 254 10.63 13.97 7.74
CA ARG A 254 12.09 14.16 7.68
C ARG A 254 12.79 13.04 6.88
N GLU A 255 12.29 11.81 7.00
CA GLU A 255 12.88 10.66 6.33
C GLU A 255 12.69 10.76 4.80
N HIS A 256 11.54 11.26 4.37
CA HIS A 256 11.21 11.31 2.96
C HIS A 256 11.46 12.67 2.28
N THR A 257 12.14 13.60 2.97
CA THR A 257 12.47 14.90 2.36
C THR A 257 13.97 15.12 2.23
N VAL A 258 14.77 14.04 2.25
CA VAL A 258 16.24 14.10 2.14
C VAL A 258 16.60 14.46 0.69
N SER B 2 24.34 -21.99 14.97
CA SER B 2 24.23 -20.64 14.39
C SER B 2 22.86 -20.00 14.74
N CYS B 3 21.82 -20.79 14.73
CA CYS B 3 20.46 -20.32 15.05
C CYS B 3 19.68 -21.43 15.72
N GLY B 4 18.60 -21.05 16.39
CA GLY B 4 17.66 -21.99 16.98
C GLY B 4 18.12 -22.71 18.23
N GLN B 5 19.19 -22.25 18.86
CA GLN B 5 19.68 -22.84 20.11
C GLN B 5 18.71 -22.50 21.28
N ARG B 6 18.58 -23.42 22.25
CA ARG B 6 17.67 -23.21 23.37
C ARG B 6 18.38 -23.66 24.65
N LEU B 7 18.35 -22.84 25.71
CA LEU B 7 19.06 -23.14 26.94
C LEU B 7 18.39 -24.18 27.86
N ARG B 8 17.07 -24.18 27.94
CA ARG B 8 16.35 -25.06 28.86
C ARG B 8 14.94 -25.39 28.38
N VAL B 17 -1.38 -16.42 26.17
CA VAL B 17 -1.38 -17.86 25.82
C VAL B 17 -2.29 -18.56 26.82
N VAL B 18 -3.30 -19.26 26.31
CA VAL B 18 -4.25 -20.03 27.10
C VAL B 18 -3.70 -21.47 27.18
N GLY B 19 -3.76 -22.07 28.37
CA GLY B 19 -3.34 -23.45 28.59
C GLY B 19 -1.86 -23.71 28.48
N GLY B 20 -1.06 -22.68 28.76
CA GLY B 20 0.38 -22.83 28.71
C GLY B 20 1.02 -22.93 30.08
N LEU B 21 2.34 -23.01 30.10
CA LEU B 21 3.17 -23.04 31.31
C LEU B 21 4.21 -21.94 31.21
N VAL B 22 4.82 -21.56 32.34
CA VAL B 22 5.86 -20.55 32.36
C VAL B 22 7.07 -20.97 31.51
N ALA B 23 7.64 -20.02 30.77
CA ALA B 23 8.85 -20.22 29.97
C ALA B 23 9.92 -19.30 30.54
N LEU B 24 10.82 -19.89 31.30
CA LEU B 24 11.88 -19.13 31.96
C LEU B 24 12.97 -18.72 30.99
N ARG B 25 13.84 -17.76 31.41
CA ARG B 25 14.96 -17.27 30.60
C ARG B 25 15.75 -18.36 29.93
N GLY B 26 15.93 -18.21 28.62
CA GLY B 26 16.65 -19.21 27.85
C GLY B 26 15.77 -20.23 27.16
N ALA B 27 14.48 -20.32 27.51
CA ALA B 27 13.57 -21.27 26.85
C ALA B 27 13.23 -20.81 25.42
N HIS B 28 13.20 -19.49 25.20
CA HIS B 28 12.92 -18.89 23.90
C HIS B 28 13.87 -17.72 23.74
N PRO B 29 15.17 -18.00 23.56
CA PRO B 29 16.14 -16.92 23.56
C PRO B 29 15.97 -15.87 22.47
N TYR B 30 15.23 -16.22 21.42
CA TYR B 30 14.98 -15.30 20.30
C TYR B 30 13.81 -14.34 20.57
N ILE B 31 12.98 -14.58 21.61
CA ILE B 31 11.75 -13.79 21.75
C ILE B 31 12.07 -12.34 22.12
N ALA B 32 11.41 -11.42 21.42
CA ALA B 32 11.60 -9.99 21.62
C ALA B 32 10.33 -9.37 22.13
N ALA B 33 10.45 -8.38 23.00
CA ALA B 33 9.29 -7.65 23.53
C ALA B 33 9.41 -6.23 22.94
N LEU B 34 8.34 -5.71 22.32
CA LEU B 34 8.30 -4.40 21.67
C LEU B 34 7.37 -3.50 22.43
N TYR B 35 7.89 -2.38 22.88
CA TYR B 35 7.12 -1.43 23.67
C TYR B 35 7.12 -0.04 23.07
N TRP B 36 6.00 0.63 23.18
CA TRP B 36 5.83 2.05 22.80
C TRP B 36 4.57 2.57 23.45
N GLY B 37 4.66 3.73 24.13
CA GLY B 37 3.50 4.30 24.81
C GLY B 37 2.89 3.35 25.83
N HIS B 38 1.62 3.04 25.65
CA HIS B 38 0.96 2.03 26.49
C HIS B 38 0.70 0.73 25.70
N SER B 39 1.31 0.58 24.51
CA SER B 39 1.14 -0.55 23.62
C SER B 39 2.27 -1.56 23.70
N PHE B 40 1.98 -2.79 23.32
CA PHE B 40 2.97 -3.85 23.35
C PHE B 40 2.71 -4.86 22.26
N CYS B 41 3.78 -5.45 21.77
CA CYS B 41 3.75 -6.58 20.85
C CYS B 41 5.00 -7.45 21.04
N ALA B 42 4.91 -8.73 20.66
CA ALA B 42 6.05 -9.62 20.73
C ALA B 42 6.69 -9.74 19.31
N GLY B 43 7.88 -10.31 19.23
CA GLY B 43 8.57 -10.54 17.97
C GLY B 43 9.58 -11.65 18.10
N SER B 44 10.30 -11.95 17.02
CA SER B 44 11.34 -12.97 17.04
C SER B 44 12.60 -12.44 16.40
N LEU B 45 13.70 -12.53 17.13
CA LEU B 45 15.00 -12.14 16.61
C LEU B 45 15.41 -13.19 15.57
N ILE B 46 15.47 -12.79 14.28
CA ILE B 46 15.88 -13.71 13.20
C ILE B 46 17.33 -13.50 12.73
N ALA B 47 17.99 -12.46 13.24
CA ALA B 47 19.38 -12.12 12.95
C ALA B 47 19.78 -11.08 14.03
N PRO B 48 21.09 -10.78 14.24
CA PRO B 48 21.43 -9.84 15.32
C PRO B 48 20.77 -8.46 15.22
N CYS B 49 20.45 -7.97 14.00
CA CYS B 49 19.80 -6.65 13.87
C CYS B 49 18.34 -6.71 13.41
N TRP B 50 17.75 -7.90 13.31
CA TRP B 50 16.41 -8.02 12.75
C TRP B 50 15.43 -8.78 13.59
N VAL B 51 14.25 -8.21 13.72
CA VAL B 51 13.15 -8.82 14.45
C VAL B 51 11.92 -8.92 13.55
N LEU B 52 11.30 -10.09 13.50
CA LEU B 52 10.14 -10.34 12.68
C LEU B 52 8.95 -10.30 13.63
N THR B 53 7.98 -9.45 13.35
CA THR B 53 6.75 -9.31 14.13
C THR B 53 5.50 -9.30 13.20
N ALA B 54 4.32 -8.95 13.73
CA ALA B 54 3.12 -8.87 12.93
C ALA B 54 3.00 -7.43 12.44
N ALA B 55 2.46 -7.24 11.23
CA ALA B 55 2.20 -5.91 10.71
C ALA B 55 1.06 -5.22 11.47
N HIS B 56 0.06 -5.96 11.94
CA HIS B 56 -1.10 -5.37 12.60
C HIS B 56 -0.76 -4.57 13.88
N CYS B 57 0.40 -4.87 14.49
CA CYS B 57 0.92 -4.19 15.68
C CYS B 57 1.28 -2.75 15.36
N LEU B 58 1.77 -2.51 14.14
CA LEU B 58 2.31 -1.24 13.70
C LEU B 58 1.41 -0.48 12.70
N GLN B 59 0.12 -0.87 12.61
CA GLN B 59 -0.90 -0.24 11.73
C GLN B 59 -0.95 1.27 11.94
N ASP B 60 -0.94 1.71 13.22
CA ASP B 60 -1.02 3.16 13.49
C ASP B 60 0.29 3.91 13.19
N ARG B 61 1.32 3.21 12.78
CA ARG B 61 2.59 3.82 12.39
C ARG B 61 3.26 4.70 13.46
N PRO B 62 3.52 4.13 14.65
CA PRO B 62 4.31 4.90 15.65
C PRO B 62 5.69 5.21 15.08
N ALA B 63 6.31 6.32 15.46
CA ALA B 63 7.64 6.67 14.99
C ALA B 63 8.66 5.64 15.51
N PRO B 64 9.64 5.23 14.69
CA PRO B 64 10.64 4.25 15.15
C PRO B 64 11.33 4.67 16.45
N GLU B 65 11.59 5.98 16.61
CA GLU B 65 12.25 6.52 17.81
C GLU B 65 11.45 6.28 19.10
N ASP B 66 10.14 6.05 18.99
CA ASP B 66 9.31 5.77 20.15
C ASP B 66 9.26 4.31 20.58
N LEU B 67 9.92 3.43 19.80
CA LEU B 67 9.93 2.00 20.07
C LEU B 67 11.13 1.57 20.83
N THR B 68 10.94 0.59 21.71
CA THR B 68 12.07 -0.08 22.36
C THR B 68 11.83 -1.57 22.25
N VAL B 69 12.87 -2.30 21.91
CA VAL B 69 12.85 -3.76 21.83
C VAL B 69 13.64 -4.27 23.04
N VAL B 70 13.08 -5.24 23.78
CA VAL B 70 13.81 -5.85 24.89
C VAL B 70 14.01 -7.33 24.62
N LEU B 71 15.25 -7.77 24.62
CA LEU B 71 15.65 -9.17 24.46
C LEU B 71 16.09 -9.77 25.82
N GLY B 72 15.86 -11.06 25.97
CA GLY B 72 16.22 -11.76 27.20
C GLY B 72 15.21 -11.73 28.33
N GLN B 73 13.97 -11.25 28.07
CA GLN B 73 12.97 -11.14 29.12
C GLN B 73 12.31 -12.45 29.53
N GLU B 74 12.00 -12.53 30.82
CA GLU B 74 11.26 -13.62 31.43
C GLU B 74 9.97 -12.94 31.93
N ARG B 75 10.07 -11.98 32.88
CA ARG B 75 8.89 -11.22 33.30
C ARG B 75 9.00 -9.88 32.55
N ARG B 76 7.91 -9.42 31.92
CA ARG B 76 7.97 -8.13 31.21
C ARG B 76 8.24 -6.95 32.14
N ASN B 77 7.61 -6.94 33.31
CA ASN B 77 7.67 -5.82 34.26
C ASN B 77 9.01 -5.63 34.98
N HIS B 78 9.82 -6.69 35.13
CA HIS B 78 11.06 -6.57 35.88
C HIS B 78 12.17 -5.92 35.11
N SER B 79 12.97 -5.10 35.81
CA SER B 79 14.23 -4.60 35.27
C SER B 79 15.15 -5.83 35.31
N CYS B 80 16.05 -5.95 34.35
CA CYS B 80 16.88 -7.14 34.25
C CYS B 80 18.22 -6.70 33.69
N GLU B 81 19.27 -6.82 34.53
CA GLU B 81 20.60 -6.37 34.16
C GLU B 81 21.15 -6.98 32.87
N PRO B 82 21.07 -8.32 32.69
CA PRO B 82 21.58 -8.91 31.44
C PRO B 82 20.70 -8.70 30.20
N CYS B 83 19.42 -8.31 30.40
CA CYS B 83 18.51 -8.06 29.28
C CYS B 83 19.02 -6.94 28.41
N GLN B 84 18.78 -7.01 27.09
CA GLN B 84 19.26 -5.98 26.19
C GLN B 84 18.14 -5.14 25.68
N THR B 85 18.22 -3.84 25.92
CA THR B 85 17.20 -2.90 25.46
C THR B 85 17.79 -2.22 24.24
N LEU B 86 17.06 -2.25 23.12
CA LEU B 86 17.57 -1.66 21.89
C LEU B 86 16.56 -0.74 21.26
N ALA B 87 17.05 0.32 20.64
CA ALA B 87 16.22 1.23 19.88
C ALA B 87 15.94 0.56 18.50
N VAL B 88 14.92 1.07 17.79
CA VAL B 88 14.55 0.58 16.47
C VAL B 88 14.94 1.69 15.46
N ARG B 89 15.78 1.37 14.50
CA ARG B 89 16.25 2.29 13.46
C ARG B 89 15.14 2.53 12.43
N SER B 90 14.44 1.45 12.05
CA SER B 90 13.35 1.54 11.09
C SER B 90 12.55 0.25 11.08
N TYR B 91 11.37 0.29 10.49
CA TYR B 91 10.57 -0.89 10.34
C TYR B 91 9.88 -0.93 8.98
N ARG B 92 9.54 -2.12 8.53
CA ARG B 92 8.90 -2.34 7.25
C ARG B 92 7.78 -3.30 7.43
N LEU B 93 6.55 -2.86 7.20
CA LEU B 93 5.41 -3.75 7.21
C LEU B 93 5.41 -4.40 5.81
N HIS B 94 4.78 -5.60 5.68
CA HIS B 94 4.57 -6.16 4.34
C HIS B 94 3.67 -5.17 3.57
N GLU B 95 4.13 -4.72 2.40
CA GLU B 95 3.41 -3.76 1.57
C GLU B 95 1.98 -4.18 1.22
N ALA B 96 1.69 -5.47 1.29
CA ALA B 96 0.37 -6.04 1.00
C ALA B 96 -0.52 -6.26 2.20
N PHE B 97 -0.04 -5.92 3.44
CA PHE B 97 -0.88 -6.12 4.63
C PHE B 97 -2.24 -5.45 4.52
N SER B 98 -3.30 -6.21 4.80
CA SER B 98 -4.66 -5.75 4.77
C SER B 98 -5.24 -5.71 6.19
N PRO B 99 -5.59 -4.53 6.71
CA PRO B 99 -6.21 -4.47 8.05
C PRO B 99 -7.61 -5.10 8.13
N VAL B 100 -8.21 -5.44 6.97
CA VAL B 100 -9.54 -6.05 6.96
C VAL B 100 -9.47 -7.57 7.06
N SER B 101 -8.65 -8.22 6.22
CA SER B 101 -8.54 -9.69 6.22
C SER B 101 -7.40 -10.23 7.09
N TYR B 102 -6.42 -9.38 7.37
CA TYR B 102 -5.16 -9.67 8.05
C TYR B 102 -4.20 -10.50 7.18
N GLN B 103 -4.44 -10.55 5.84
CA GLN B 103 -3.52 -11.24 4.96
C GLN B 103 -2.23 -10.44 4.93
N HIS B 104 -1.11 -11.14 4.79
CA HIS B 104 0.22 -10.58 4.69
C HIS B 104 0.59 -9.86 6.01
N ASP B 105 0.27 -10.52 7.14
CA ASP B 105 0.51 -9.93 8.47
C ASP B 105 1.91 -10.19 8.99
N LEU B 106 2.87 -9.50 8.44
CA LEU B 106 4.25 -9.58 8.90
C LEU B 106 4.94 -8.26 8.77
N ALA B 107 5.94 -8.02 9.63
CA ALA B 107 6.71 -6.79 9.62
C ALA B 107 8.11 -7.04 10.14
N LEU B 108 9.11 -6.35 9.61
CA LEU B 108 10.48 -6.43 10.06
C LEU B 108 10.88 -5.16 10.82
N LEU B 109 11.58 -5.32 11.95
CA LEU B 109 12.10 -4.19 12.72
C LEU B 109 13.59 -4.27 12.57
N ARG B 110 14.22 -3.18 12.11
CA ARG B 110 15.64 -3.11 12.01
C ARG B 110 16.13 -2.46 13.30
N LEU B 111 16.83 -3.22 14.15
CA LEU B 111 17.33 -2.70 15.40
C LEU B 111 18.45 -1.68 15.17
N GLN B 112 18.58 -0.73 16.08
CA GLN B 112 19.61 0.30 15.98
C GLN B 112 20.97 -0.26 16.39
N GLU B 113 21.93 -0.23 15.48
CA GLU B 113 23.28 -0.69 15.78
C GLU B 113 24.02 0.34 16.61
N ASP B 114 25.01 -0.11 17.39
CA ASP B 114 25.83 0.79 18.18
C ASP B 114 26.98 1.35 17.33
N SER B 118 27.10 -3.23 16.00
CA SER B 118 26.51 -4.37 16.71
C SER B 118 25.08 -4.06 17.23
N CYS B 119 24.16 -5.03 17.14
CA CYS B 119 22.81 -4.87 17.66
C CYS B 119 22.69 -5.85 18.85
N ALA B 120 22.03 -7.01 18.67
CA ALA B 120 21.88 -7.99 19.73
C ALA B 120 23.22 -8.72 19.95
N LEU B 121 23.62 -8.82 21.20
CA LEU B 121 24.83 -9.54 21.58
C LEU B 121 24.38 -10.94 21.95
N LEU B 122 24.93 -11.95 21.26
CA LEU B 122 24.50 -13.32 21.50
C LEU B 122 25.00 -13.85 22.84
N SER B 123 24.14 -14.59 23.50
CA SER B 123 24.42 -15.14 24.81
C SER B 123 23.55 -16.41 25.01
N PRO B 124 23.74 -17.16 26.10
CA PRO B 124 22.86 -18.31 26.35
C PRO B 124 21.38 -17.91 26.46
N TYR B 125 21.07 -16.64 26.83
CA TYR B 125 19.69 -16.17 26.96
C TYR B 125 19.17 -15.44 25.70
N VAL B 126 20.07 -15.02 24.77
CA VAL B 126 19.70 -14.25 23.58
C VAL B 126 20.32 -14.88 22.33
N GLN B 127 19.50 -15.52 21.46
CA GLN B 127 19.99 -16.20 20.26
C GLN B 127 18.96 -16.02 19.17
N PRO B 128 19.36 -15.88 17.90
CA PRO B 128 18.35 -15.81 16.83
C PRO B 128 17.66 -17.16 16.62
N VAL B 129 16.43 -17.13 16.11
CA VAL B 129 15.67 -18.32 15.77
C VAL B 129 15.91 -18.62 14.27
N CYS B 130 15.86 -19.90 13.87
CA CYS B 130 16.05 -20.24 12.46
C CYS B 130 14.82 -19.88 11.67
N LEU B 131 15.01 -19.59 10.40
CA LEU B 131 13.88 -19.43 9.48
C LEU B 131 13.62 -20.81 8.82
N PRO B 132 12.38 -21.13 8.35
CA PRO B 132 12.17 -22.43 7.69
C PRO B 132 12.98 -22.58 6.41
N SER B 133 13.18 -23.81 5.95
CA SER B 133 13.93 -24.07 4.71
C SER B 133 13.02 -23.98 3.48
N THR B 142 8.00 -31.15 14.40
CA THR B 142 7.35 -32.13 15.27
C THR B 142 6.79 -31.44 16.55
N LEU B 143 7.68 -31.00 17.46
CA LEU B 143 7.25 -30.34 18.69
C LEU B 143 7.12 -28.87 18.33
N CYS B 144 5.90 -28.35 18.27
CA CYS B 144 5.66 -26.93 17.98
C CYS B 144 5.05 -26.25 19.20
N GLN B 145 5.46 -25.00 19.43
CA GLN B 145 5.08 -24.25 20.62
C GLN B 145 4.79 -22.81 20.29
N VAL B 146 3.72 -22.28 20.90
CA VAL B 146 3.35 -20.86 20.81
C VAL B 146 3.83 -20.19 22.13
N ALA B 147 4.48 -19.01 22.05
CA ALA B 147 4.95 -18.35 23.28
C ALA B 147 4.48 -16.90 23.35
N GLY B 148 4.25 -16.40 24.56
CA GLY B 148 3.85 -15.00 24.70
C GLY B 148 3.43 -14.56 26.10
N TRP B 149 3.34 -13.25 26.27
CA TRP B 149 2.92 -12.65 27.53
C TRP B 149 1.47 -12.15 27.49
N GLY B 150 0.67 -12.61 26.56
CA GLY B 150 -0.72 -12.17 26.44
C GLY B 150 -1.62 -12.75 27.50
N HIS B 151 -2.91 -12.43 27.39
CA HIS B 151 -3.94 -12.88 28.31
C HIS B 151 -3.97 -14.40 28.41
N GLN B 152 -4.12 -14.95 29.63
CA GLN B 152 -4.17 -16.40 29.83
C GLN B 152 -5.59 -17.02 29.61
N PHE B 153 -6.56 -16.17 29.30
CA PHE B 153 -7.94 -16.50 28.95
C PHE B 153 -8.58 -15.24 28.38
N GLU B 154 -9.49 -15.39 27.39
CA GLU B 154 -10.14 -14.22 26.79
C GLU B 154 -10.87 -13.40 27.87
N GLY B 155 -10.67 -12.10 27.84
CA GLY B 155 -11.29 -11.23 28.83
C GLY B 155 -10.48 -11.05 30.11
N ALA B 156 -9.26 -11.64 30.19
CA ALA B 156 -8.39 -11.47 31.36
C ALA B 156 -8.07 -9.99 31.55
N GLU B 157 -8.09 -9.53 32.80
CA GLU B 157 -7.82 -8.13 33.08
C GLU B 157 -6.37 -7.76 32.82
N GLU B 158 -5.43 -8.72 32.95
CA GLU B 158 -4.02 -8.42 32.77
C GLU B 158 -3.24 -9.39 31.90
N TYR B 159 -2.15 -8.90 31.32
CA TYR B 159 -1.24 -9.72 30.54
C TYR B 159 -0.50 -10.64 31.52
N ALA B 160 0.02 -11.78 31.04
CA ALA B 160 0.77 -12.69 31.91
C ALA B 160 2.05 -12.01 32.40
N SER B 161 2.40 -12.20 33.69
CA SER B 161 3.62 -11.60 34.23
C SER B 161 4.81 -12.37 33.71
N PHE B 162 4.74 -13.70 33.71
CA PHE B 162 5.84 -14.49 33.15
C PHE B 162 5.49 -14.90 31.72
N LEU B 163 6.51 -15.06 30.87
CA LEU B 163 6.32 -15.61 29.53
C LEU B 163 5.64 -16.99 29.62
N GLN B 164 4.67 -17.25 28.76
CA GLN B 164 3.98 -18.53 28.73
C GLN B 164 4.34 -19.23 27.42
N GLU B 165 4.24 -20.54 27.41
CA GLU B 165 4.52 -21.37 26.27
C GLU B 165 3.50 -22.50 26.27
N ALA B 166 2.97 -22.87 25.10
CA ALA B 166 2.06 -24.00 25.02
C ALA B 166 2.35 -24.80 23.76
N GLN B 167 2.19 -26.12 23.83
CA GLN B 167 2.45 -26.97 22.68
C GLN B 167 1.19 -27.07 21.84
N VAL B 168 1.28 -26.69 20.56
CA VAL B 168 0.15 -26.72 19.65
C VAL B 168 0.59 -27.34 18.33
N PRO B 169 -0.23 -28.25 17.79
CA PRO B 169 0.12 -28.88 16.51
C PRO B 169 -0.39 -28.09 15.30
N PHE B 170 0.23 -28.30 14.14
CA PHE B 170 -0.29 -27.68 12.91
C PHE B 170 -1.65 -28.28 12.56
N LEU B 171 -2.51 -27.49 11.94
CA LEU B 171 -3.78 -27.97 11.45
C LEU B 171 -3.75 -27.75 9.96
N SER B 172 -4.14 -28.75 9.18
CA SER B 172 -4.11 -28.64 7.71
C SER B 172 -5.04 -27.53 7.23
N LEU B 173 -4.73 -26.96 6.05
CA LEU B 173 -5.56 -25.94 5.42
C LEU B 173 -6.99 -26.51 5.15
N GLU B 174 -7.09 -27.80 4.82
CA GLU B 174 -8.38 -28.46 4.63
C GLU B 174 -9.22 -28.40 5.90
N ARG B 175 -8.62 -28.72 7.07
CA ARG B 175 -9.38 -28.66 8.32
C ARG B 175 -9.66 -27.24 8.80
N CYS B 176 -8.69 -26.31 8.70
CA CYS B 176 -8.90 -24.94 9.16
C CYS B 176 -9.87 -24.14 8.30
N SER B 177 -9.91 -24.43 7.00
CA SER B 177 -10.84 -23.72 6.11
C SER B 177 -12.23 -24.32 6.06
N ALA B 178 -12.54 -25.32 6.92
CA ALA B 178 -13.89 -25.90 6.99
C ALA B 178 -14.88 -24.83 7.47
N PRO B 179 -16.17 -24.90 7.09
CA PRO B 179 -17.11 -23.83 7.51
C PRO B 179 -17.30 -23.68 9.02
N ASP B 180 -17.21 -24.78 9.80
CA ASP B 180 -17.36 -24.67 11.25
C ASP B 180 -16.06 -24.19 11.95
N VAL B 181 -14.93 -24.15 11.22
CA VAL B 181 -13.67 -23.66 11.75
C VAL B 181 -13.48 -22.18 11.33
N HIS B 182 -12.67 -21.83 10.29
CA HIS B 182 -12.51 -20.45 9.85
C HIS B 182 -13.00 -20.16 8.43
N GLY B 183 -13.44 -21.19 7.70
CA GLY B 183 -13.98 -21.03 6.37
C GLY B 183 -13.09 -20.28 5.39
N SER B 184 -13.69 -19.35 4.65
CA SER B 184 -12.99 -18.55 3.65
C SER B 184 -12.06 -17.47 4.24
N SER B 185 -11.98 -17.36 5.58
CA SER B 185 -11.09 -16.40 6.24
C SER B 185 -9.61 -16.78 6.12
N ILE B 186 -9.33 -18.08 5.92
CA ILE B 186 -7.95 -18.53 5.77
C ILE B 186 -7.49 -18.30 4.36
N LEU B 187 -6.55 -17.36 4.19
CA LEU B 187 -6.04 -16.96 2.88
C LEU B 187 -4.60 -17.39 2.68
N PRO B 188 -4.10 -17.40 1.44
CA PRO B 188 -2.67 -17.71 1.21
C PRO B 188 -1.75 -16.83 2.06
N GLY B 189 -0.80 -17.48 2.70
CA GLY B 189 0.12 -16.80 3.61
C GLY B 189 -0.20 -17.05 5.08
N MET B 190 -1.37 -17.62 5.37
CA MET B 190 -1.83 -17.94 6.71
C MET B 190 -1.73 -19.46 6.96
N LEU B 191 -1.60 -19.81 8.24
CA LEU B 191 -1.64 -21.19 8.67
C LEU B 191 -2.35 -21.25 10.01
N CYS B 192 -2.86 -22.43 10.37
CA CYS B 192 -3.53 -22.59 11.65
C CYS B 192 -2.77 -23.59 12.48
N ALA B 193 -2.82 -23.37 13.78
CA ALA B 193 -2.17 -24.26 14.71
C ALA B 193 -2.98 -24.26 15.98
N GLY B 194 -3.12 -25.45 16.57
CA GLY B 194 -3.89 -25.61 17.77
C GLY B 194 -4.77 -26.84 17.80
N PHE B 195 -5.87 -26.72 18.52
CA PHE B 195 -6.76 -27.85 18.71
C PHE B 195 -8.17 -27.49 18.39
N LEU B 196 -8.87 -28.37 17.68
CA LEU B 196 -10.30 -28.17 17.43
C LEU B 196 -11.10 -28.37 18.73
N GLU B 197 -10.55 -29.11 19.71
CA GLU B 197 -11.19 -29.29 21.01
C GLU B 197 -11.12 -27.99 21.86
N GLY B 198 -10.18 -27.09 21.54
CA GLY B 198 -9.96 -25.84 22.26
C GLY B 198 -9.07 -26.05 23.47
N GLY B 199 -9.04 -25.06 24.36
CA GLY B 199 -8.29 -25.13 25.61
C GLY B 199 -6.87 -24.61 25.60
N THR B 200 -6.18 -24.69 24.45
CA THR B 200 -4.77 -24.30 24.29
C THR B 200 -4.60 -23.46 23.03
N ASP B 201 -4.08 -22.23 23.16
CA ASP B 201 -4.01 -21.33 22.01
C ASP B 201 -3.34 -20.01 22.37
N ALA B 202 -3.04 -19.18 21.36
CA ALA B 202 -2.61 -17.80 21.55
C ALA B 202 -3.85 -16.97 22.00
N CYS B 203 -3.63 -15.78 22.55
CA CYS B 203 -4.74 -14.90 22.96
C CYS B 203 -4.33 -13.42 22.79
N GLN B 204 -5.19 -12.48 23.14
CA GLN B 204 -4.90 -11.05 23.03
C GLN B 204 -3.64 -10.70 23.79
N GLY B 205 -2.74 -9.99 23.14
CA GLY B 205 -1.47 -9.64 23.74
C GLY B 205 -0.32 -10.51 23.27
N ASP B 206 -0.63 -11.64 22.58
CA ASP B 206 0.41 -12.50 22.00
C ASP B 206 0.82 -12.09 20.58
N SER B 207 0.12 -11.08 20.01
CA SER B 207 0.38 -10.53 18.68
C SER B 207 1.86 -10.40 18.35
N GLY B 208 2.24 -10.93 17.21
CA GLY B 208 3.61 -10.81 16.72
C GLY B 208 4.58 -11.87 17.21
N GLY B 209 4.16 -12.60 18.25
CA GLY B 209 4.99 -13.62 18.85
C GLY B 209 5.18 -14.85 17.97
N PRO B 210 5.95 -15.79 18.50
CA PRO B 210 6.30 -16.97 17.72
C PRO B 210 5.45 -18.22 17.86
N LEU B 211 5.48 -19.00 16.76
CA LEU B 211 5.04 -20.38 16.68
C LEU B 211 6.35 -21.05 16.20
N VAL B 212 7.11 -21.70 17.12
CA VAL B 212 8.40 -22.29 16.78
C VAL B 212 8.29 -23.81 16.82
N CYS B 213 9.00 -24.47 15.95
CA CYS B 213 9.01 -25.93 15.90
C CYS B 213 10.43 -26.40 16.05
N GLU B 214 10.62 -27.55 16.68
CA GLU B 214 11.96 -28.12 16.82
C GLU B 214 12.26 -28.89 15.51
N ASP B 215 13.20 -28.40 14.68
CA ASP B 215 13.52 -29.05 13.41
C ASP B 215 14.27 -30.36 13.57
N GLN B 216 13.58 -31.51 13.49
CA GLN B 216 14.22 -32.83 13.63
C GLN B 216 15.38 -33.03 12.66
N ALA B 217 15.21 -32.61 11.40
CA ALA B 217 16.27 -32.72 10.38
C ALA B 217 17.50 -31.86 10.64
N ALA B 218 17.41 -30.91 11.60
CA ALA B 218 18.51 -29.99 11.87
C ALA B 218 18.82 -29.91 13.36
N GLU B 219 19.00 -31.08 14.02
CA GLU B 219 19.39 -31.19 15.42
C GLU B 219 18.41 -30.54 16.39
N ARG B 220 17.10 -30.57 16.07
CA ARG B 220 16.01 -30.01 16.87
C ARG B 220 16.09 -28.48 17.07
N ARG B 221 16.83 -27.78 16.19
CA ARG B 221 16.95 -26.33 16.31
C ARG B 221 15.60 -25.64 16.16
N LEU B 222 15.33 -24.69 17.05
CA LEU B 222 14.09 -23.92 17.04
C LEU B 222 13.93 -23.18 15.70
N THR B 223 12.82 -23.44 15.02
CA THR B 223 12.54 -22.86 13.69
C THR B 223 11.23 -22.12 13.71
N LEU B 224 11.28 -20.84 13.30
CA LEU B 224 10.09 -20.00 13.32
C LEU B 224 9.16 -20.40 12.16
N GLN B 225 8.01 -20.99 12.46
CA GLN B 225 7.07 -21.41 11.41
C GLN B 225 5.90 -20.45 11.26
N GLY B 226 5.50 -19.77 12.33
CA GLY B 226 4.38 -18.84 12.25
C GLY B 226 4.58 -17.63 13.15
N ILE B 227 3.87 -16.54 12.80
CA ILE B 227 3.80 -15.31 13.57
C ILE B 227 2.37 -15.19 14.08
N ILE B 228 2.17 -15.00 15.39
CA ILE B 228 0.81 -14.91 15.97
C ILE B 228 0.09 -13.71 15.36
N SER B 229 -0.97 -14.01 14.60
CA SER B 229 -1.68 -12.99 13.82
C SER B 229 -3.10 -12.68 14.36
N TRP B 230 -4.03 -13.64 14.30
CA TRP B 230 -5.39 -13.40 14.73
C TRP B 230 -6.14 -14.64 15.15
N GLY B 231 -7.26 -14.43 15.82
CA GLY B 231 -8.10 -15.53 16.23
C GLY B 231 -9.52 -15.09 16.54
N SER B 232 -10.44 -16.03 16.50
CA SER B 232 -11.82 -15.79 16.85
C SER B 232 -11.87 -16.36 18.25
N GLY B 233 -11.72 -15.51 19.25
CA GLY B 233 -11.63 -15.97 20.63
C GLY B 233 -10.26 -16.51 20.97
N CYS B 234 -10.13 -17.12 22.16
CA CYS B 234 -8.88 -17.72 22.60
C CYS B 234 -9.20 -19.10 23.14
N GLY B 235 -8.74 -20.14 22.48
CA GLY B 235 -8.95 -21.50 22.95
C GLY B 235 -10.39 -21.99 22.84
N ASP B 236 -11.18 -21.36 21.96
CA ASP B 236 -12.56 -21.80 21.76
C ASP B 236 -12.58 -23.08 20.91
N ARG B 237 -13.64 -23.87 21.04
CA ARG B 237 -13.81 -25.08 20.21
C ARG B 237 -13.90 -24.66 18.73
N ASN B 238 -13.22 -25.40 17.86
CA ASN B 238 -13.21 -25.16 16.42
C ASN B 238 -12.65 -23.82 16.00
N LYS B 239 -11.97 -23.09 16.91
CA LYS B 239 -11.42 -21.78 16.56
C LYS B 239 -9.94 -21.72 16.94
N PRO B 240 -9.08 -22.45 16.21
CA PRO B 240 -7.64 -22.39 16.52
C PRO B 240 -7.02 -21.08 16.03
N GLY B 241 -5.91 -20.69 16.63
CA GLY B 241 -5.21 -19.48 16.28
C GLY B 241 -4.71 -19.52 14.85
N VAL B 242 -4.69 -18.35 14.22
CA VAL B 242 -4.21 -18.14 12.87
C VAL B 242 -2.93 -17.36 12.92
N TYR B 243 -1.96 -17.87 12.19
CA TYR B 243 -0.62 -17.38 12.16
C TYR B 243 -0.21 -17.02 10.76
N THR B 244 0.73 -16.10 10.63
CA THR B 244 1.33 -15.80 9.34
C THR B 244 2.31 -16.96 9.09
N ASP B 245 2.21 -17.58 7.93
CA ASP B 245 3.04 -18.70 7.49
C ASP B 245 4.38 -18.15 7.04
N VAL B 246 5.39 -18.24 7.92
CA VAL B 246 6.71 -17.68 7.65
C VAL B 246 7.37 -18.28 6.42
N ALA B 247 7.20 -19.59 6.17
CA ALA B 247 7.80 -20.22 4.98
C ALA B 247 7.27 -19.56 3.69
N TYR B 248 6.01 -19.16 3.68
CA TYR B 248 5.37 -18.48 2.54
C TYR B 248 6.06 -17.17 2.16
N TYR B 249 6.67 -16.48 3.16
CA TYR B 249 7.34 -15.21 2.96
C TYR B 249 8.84 -15.24 3.03
N LEU B 250 9.46 -16.42 2.99
CA LEU B 250 10.93 -16.53 3.05
C LEU B 250 11.69 -15.59 2.12
N ALA B 251 11.29 -15.50 0.83
CA ALA B 251 12.02 -14.65 -0.10
C ALA B 251 11.83 -13.18 0.23
N TRP B 252 10.62 -12.78 0.67
CA TRP B 252 10.35 -11.40 1.08
C TRP B 252 11.24 -11.06 2.28
N ILE B 253 11.23 -11.95 3.32
CA ILE B 253 12.05 -11.74 4.51
C ILE B 253 13.55 -11.63 4.14
N ARG B 254 14.08 -12.52 3.27
CA ARG B 254 15.47 -12.43 2.82
C ARG B 254 15.78 -11.17 2.00
N GLU B 255 14.87 -10.77 1.14
CA GLU B 255 15.04 -9.60 0.29
C GLU B 255 15.18 -8.33 1.13
N HIS B 256 14.37 -8.21 2.19
CA HIS B 256 14.36 -6.98 3.01
C HIS B 256 15.25 -7.01 4.26
N THR B 257 16.09 -8.05 4.42
CA THR B 257 17.00 -8.15 5.55
C THR B 257 18.47 -8.12 5.16
N VAL B 258 18.78 -7.48 4.02
CA VAL B 258 20.17 -7.34 3.59
C VAL B 258 20.76 -6.13 4.28
N SER C 2 11.18 -1.37 -34.16
CA SER C 2 11.71 -1.57 -32.80
C SER C 2 10.69 -2.27 -31.91
N CYS C 3 9.41 -1.94 -32.07
CA CYS C 3 8.33 -2.54 -31.28
C CYS C 3 7.08 -2.67 -32.13
N GLY C 4 6.17 -3.52 -31.70
CA GLY C 4 4.87 -3.64 -32.31
C GLY C 4 4.81 -4.42 -33.60
N GLN C 5 5.89 -5.07 -33.99
CA GLN C 5 5.91 -5.88 -35.20
C GLN C 5 5.02 -7.11 -35.04
N ARG C 6 4.38 -7.56 -36.14
CA ARG C 6 3.50 -8.70 -36.10
C ARG C 6 3.79 -9.55 -37.33
N LEU C 7 3.93 -10.86 -37.15
CA LEU C 7 4.29 -11.77 -38.23
C LEU C 7 3.16 -12.14 -39.20
N ARG C 8 1.95 -12.33 -38.68
CA ARG C 8 0.83 -12.78 -39.48
C ARG C 8 -0.50 -12.29 -38.93
N VAL C 17 -11.43 -15.57 -24.03
CA VAL C 17 -11.97 -14.63 -25.01
C VAL C 17 -13.19 -15.27 -25.62
N VAL C 18 -14.33 -14.59 -25.53
CA VAL C 18 -15.60 -15.01 -26.08
C VAL C 18 -15.71 -14.37 -27.49
N GLY C 19 -16.19 -15.15 -28.47
CA GLY C 19 -16.38 -14.68 -29.83
C GLY C 19 -15.11 -14.39 -30.60
N GLY C 20 -14.01 -15.04 -30.22
CA GLY C 20 -12.74 -14.84 -30.90
C GLY C 20 -12.40 -15.94 -31.88
N LEU C 21 -11.23 -15.82 -32.51
CA LEU C 21 -10.67 -16.81 -33.43
C LEU C 21 -9.26 -17.16 -32.95
N VAL C 22 -8.74 -18.31 -33.38
CA VAL C 22 -7.38 -18.71 -33.04
C VAL C 22 -6.34 -17.67 -33.53
N ALA C 23 -5.33 -17.35 -32.69
CA ALA C 23 -4.21 -16.48 -33.02
C ALA C 23 -2.97 -17.38 -33.01
N LEU C 24 -2.47 -17.71 -34.19
CA LEU C 24 -1.30 -18.57 -34.31
C LEU C 24 0.01 -17.82 -33.99
N ARG C 25 1.11 -18.57 -33.76
CA ARG C 25 2.44 -18.02 -33.47
C ARG C 25 2.82 -16.86 -34.39
N GLY C 26 3.25 -15.76 -33.78
CA GLY C 26 3.60 -14.58 -34.54
C GLY C 26 2.49 -13.55 -34.66
N ALA C 27 1.23 -13.92 -34.33
CA ALA C 27 0.11 -12.94 -34.40
C ALA C 27 0.17 -11.92 -33.25
N HIS C 28 0.71 -12.35 -32.10
CA HIS C 28 0.87 -11.52 -30.93
C HIS C 28 2.22 -11.86 -30.33
N PRO C 29 3.31 -11.47 -31.02
CA PRO C 29 4.63 -11.92 -30.57
C PRO C 29 5.04 -11.44 -29.18
N TYR C 30 4.38 -10.40 -28.67
CA TYR C 30 4.66 -9.85 -27.34
C TYR C 30 3.95 -10.62 -26.21
N ILE C 31 2.95 -11.48 -26.51
CA ILE C 31 2.14 -12.05 -25.44
C ILE C 31 2.96 -13.01 -24.58
N ALA C 32 2.78 -12.88 -23.25
CA ALA C 32 3.52 -13.72 -22.30
C ALA C 32 2.55 -14.54 -21.47
N ALA C 33 2.94 -15.77 -21.16
CA ALA C 33 2.13 -16.63 -20.32
C ALA C 33 2.87 -16.75 -18.96
N LEU C 34 2.18 -16.53 -17.85
CA LEU C 34 2.77 -16.56 -16.50
C LEU C 34 2.17 -17.72 -15.74
N TYR C 35 3.03 -18.60 -15.27
CA TYR C 35 2.59 -19.78 -14.55
C TYR C 35 3.23 -19.89 -13.18
N TRP C 36 2.46 -20.38 -12.24
CA TRP C 36 2.92 -20.70 -10.88
C TRP C 36 1.89 -21.60 -10.22
N GLY C 37 2.33 -22.71 -9.61
CA GLY C 37 1.41 -23.65 -8.96
C GLY C 37 0.33 -24.15 -9.90
N HIS C 38 -0.93 -23.91 -9.56
CA HIS C 38 -2.05 -24.26 -10.43
C HIS C 38 -2.69 -22.98 -11.03
N SER C 39 -2.01 -21.82 -10.91
CA SER C 39 -2.50 -20.52 -11.34
C SER C 39 -1.87 -20.07 -12.64
N PHE C 40 -2.57 -19.17 -13.33
CA PHE C 40 -2.09 -18.65 -14.59
C PHE C 40 -2.57 -17.24 -14.81
N CYS C 41 -1.76 -16.46 -15.49
CA CYS C 41 -2.11 -15.14 -15.98
C CYS C 41 -1.35 -14.83 -17.27
N ALA C 42 -1.89 -13.89 -18.08
CA ALA C 42 -1.20 -13.47 -19.29
C ALA C 42 -0.50 -12.11 -19.02
N GLY C 43 0.36 -11.69 -19.92
CA GLY C 43 1.05 -10.41 -19.84
C GLY C 43 1.53 -9.96 -21.21
N SER C 44 2.20 -8.84 -21.26
CA SER C 44 2.76 -8.32 -22.51
C SER C 44 4.19 -7.91 -22.34
N LEU C 45 5.05 -8.42 -23.18
CA LEU C 45 6.45 -8.06 -23.20
C LEU C 45 6.54 -6.63 -23.74
N ILE C 46 6.95 -5.68 -22.87
CA ILE C 46 7.11 -4.28 -23.29
C ILE C 46 8.56 -3.85 -23.52
N ALA C 47 9.50 -4.73 -23.19
CA ALA C 47 10.95 -4.54 -23.35
C ALA C 47 11.58 -5.94 -23.17
N PRO C 48 12.85 -6.19 -23.57
CA PRO C 48 13.38 -7.55 -23.45
C PRO C 48 13.35 -8.15 -22.02
N CYS C 49 13.42 -7.32 -20.96
CA CYS C 49 13.36 -7.85 -19.58
C CYS C 49 12.08 -7.53 -18.83
N TRP C 50 11.08 -6.92 -19.49
CA TRP C 50 9.90 -6.45 -18.78
C TRP C 50 8.60 -6.90 -19.35
N VAL C 51 7.72 -7.37 -18.46
CA VAL C 51 6.39 -7.82 -18.81
C VAL C 51 5.35 -7.06 -17.98
N LEU C 52 4.34 -6.51 -18.64
CA LEU C 52 3.30 -5.75 -17.99
C LEU C 52 2.11 -6.68 -17.88
N THR C 53 1.60 -6.88 -16.67
CA THR C 53 0.46 -7.74 -16.39
C THR C 53 -0.55 -6.99 -15.44
N ALA C 54 -1.55 -7.69 -14.94
CA ALA C 54 -2.52 -7.12 -14.01
C ALA C 54 -1.98 -7.35 -12.60
N ALA C 55 -2.23 -6.42 -11.69
CA ALA C 55 -1.85 -6.58 -10.29
C ALA C 55 -2.68 -7.65 -9.60
N HIS C 56 -3.97 -7.80 -9.98
CA HIS C 56 -4.87 -8.73 -9.33
C HIS C 56 -4.40 -10.21 -9.42
N CYS C 57 -3.59 -10.53 -10.42
CA CYS C 57 -2.99 -11.86 -10.63
C CYS C 57 -2.06 -12.21 -9.49
N LEU C 58 -1.35 -11.21 -8.98
CA LEU C 58 -0.32 -11.39 -7.98
C LEU C 58 -0.68 -10.93 -6.56
N GLN C 59 -1.98 -10.73 -6.27
CA GLN C 59 -2.53 -10.31 -4.98
C GLN C 59 -2.01 -11.20 -3.82
N ASP C 60 -2.03 -12.53 -4.03
CA ASP C 60 -1.58 -13.44 -2.98
C ASP C 60 -0.05 -13.45 -2.77
N ARG C 61 0.69 -12.69 -3.58
CA ARG C 61 2.12 -12.56 -3.46
C ARG C 61 2.91 -13.87 -3.51
N PRO C 62 2.75 -14.67 -4.59
CA PRO C 62 3.63 -15.84 -4.77
C PRO C 62 5.10 -15.38 -4.85
N ALA C 63 6.04 -16.20 -4.41
CA ALA C 63 7.45 -15.85 -4.46
C ALA C 63 7.90 -15.76 -5.92
N PRO C 64 8.75 -14.78 -6.28
CA PRO C 64 9.21 -14.68 -7.68
C PRO C 64 9.83 -15.96 -8.22
N GLU C 65 10.55 -16.69 -7.37
CA GLU C 65 11.20 -17.95 -7.73
C GLU C 65 10.20 -19.05 -8.16
N ASP C 66 8.92 -18.93 -7.76
CA ASP C 66 7.90 -19.88 -8.16
C ASP C 66 7.23 -19.58 -9.49
N LEU C 67 7.58 -18.44 -10.11
CA LEU C 67 6.99 -18.01 -11.37
C LEU C 67 7.83 -18.42 -12.56
N THR C 68 7.14 -18.72 -13.68
CA THR C 68 7.80 -18.92 -14.94
C THR C 68 7.00 -18.15 -15.99
N VAL C 69 7.72 -17.43 -16.83
CA VAL C 69 7.12 -16.70 -17.94
C VAL C 69 7.45 -17.49 -19.23
N VAL C 70 6.46 -17.73 -20.09
CA VAL C 70 6.73 -18.37 -21.37
C VAL C 70 6.36 -17.42 -22.51
N LEU C 71 7.32 -17.15 -23.37
CA LEU C 71 7.14 -16.33 -24.57
C LEU C 71 7.09 -17.19 -25.83
N GLY C 72 6.32 -16.75 -26.82
CA GLY C 72 6.21 -17.45 -28.08
C GLY C 72 5.18 -18.57 -28.15
N GLN C 73 4.27 -18.64 -27.15
CA GLN C 73 3.26 -19.69 -27.12
C GLN C 73 2.09 -19.49 -28.06
N GLU C 74 1.62 -20.62 -28.59
CA GLU C 74 0.45 -20.71 -29.42
C GLU C 74 -0.54 -21.53 -28.57
N ARG C 75 -0.22 -22.80 -28.29
CA ARG C 75 -1.02 -23.60 -27.38
C ARG C 75 -0.27 -23.53 -26.04
N ARG C 76 -0.97 -23.29 -24.93
CA ARG C 76 -0.35 -23.24 -23.61
C ARG C 76 0.24 -24.60 -23.17
N ASN C 77 -0.48 -25.70 -23.45
CA ASN C 77 -0.11 -27.04 -22.98
C ASN C 77 1.09 -27.71 -23.71
N HIS C 78 1.41 -27.28 -24.94
CA HIS C 78 2.49 -27.91 -25.69
C HIS C 78 3.84 -27.44 -25.27
N SER C 79 4.82 -28.37 -25.24
CA SER C 79 6.22 -28.00 -25.12
C SER C 79 6.57 -27.47 -26.52
N CYS C 80 7.43 -26.47 -26.60
CA CYS C 80 7.70 -25.83 -27.86
C CYS C 80 9.17 -25.42 -27.85
N GLU C 81 9.96 -26.02 -28.75
CA GLU C 81 11.41 -25.79 -28.80
C GLU C 81 11.79 -24.31 -28.95
N PRO C 82 11.19 -23.55 -29.89
CA PRO C 82 11.56 -22.14 -30.03
C PRO C 82 11.02 -21.21 -28.93
N CYS C 83 10.03 -21.66 -28.16
CA CYS C 83 9.46 -20.86 -27.06
C CYS C 83 10.51 -20.60 -25.99
N GLN C 84 10.44 -19.44 -25.35
CA GLN C 84 11.42 -19.09 -24.33
C GLN C 84 10.82 -19.11 -22.97
N THR C 85 11.39 -19.91 -22.09
CA THR C 85 10.89 -20.01 -20.72
C THR C 85 11.88 -19.21 -19.87
N LEU C 86 11.37 -18.26 -19.09
CA LEU C 86 12.23 -17.41 -18.29
C LEU C 86 11.78 -17.36 -16.86
N ALA C 87 12.75 -17.25 -15.95
CA ALA C 87 12.46 -17.06 -14.54
C ALA C 87 12.11 -15.55 -14.33
N VAL C 88 11.49 -15.24 -13.19
CA VAL C 88 11.13 -13.88 -12.82
C VAL C 88 12.06 -13.47 -11.65
N ARG C 89 12.82 -12.40 -11.83
CA ARG C 89 13.75 -11.87 -10.83
C ARG C 89 12.97 -11.16 -9.73
N SER C 90 11.97 -10.37 -10.11
CA SER C 90 11.16 -9.64 -9.15
C SER C 90 9.92 -9.09 -9.84
N TYR C 91 8.94 -8.66 -9.05
CA TYR C 91 7.76 -8.03 -9.60
C TYR C 91 7.29 -6.87 -8.74
N ARG C 92 6.61 -5.93 -9.36
CA ARG C 92 6.12 -4.75 -8.68
C ARG C 92 4.69 -4.52 -9.05
N LEU C 93 3.79 -4.61 -8.08
CA LEU C 93 2.39 -4.28 -8.35
C LEU C 93 2.33 -2.75 -8.21
N HIS C 94 1.29 -2.11 -8.84
CA HIS C 94 1.09 -0.68 -8.62
C HIS C 94 0.75 -0.51 -7.11
N GLU C 95 1.50 0.35 -6.42
CA GLU C 95 1.35 0.57 -4.98
C GLU C 95 -0.05 0.98 -4.57
N ALA C 96 -0.86 1.49 -5.51
CA ALA C 96 -2.22 1.92 -5.28
C ALA C 96 -3.28 0.90 -5.64
N PHE C 97 -2.89 -0.31 -6.12
CA PHE C 97 -3.87 -1.32 -6.48
C PHE C 97 -4.84 -1.63 -5.32
N SER C 98 -6.14 -1.60 -5.62
CA SER C 98 -7.19 -1.89 -4.65
C SER C 98 -7.87 -3.19 -5.03
N PRO C 99 -7.79 -4.22 -4.17
CA PRO C 99 -8.52 -5.47 -4.46
C PRO C 99 -10.04 -5.36 -4.41
N VAL C 100 -10.57 -4.23 -3.93
CA VAL C 100 -12.01 -4.03 -3.83
C VAL C 100 -12.57 -3.42 -5.12
N SER C 101 -11.98 -2.32 -5.61
CA SER C 101 -12.48 -1.63 -6.80
C SER C 101 -11.78 -2.06 -8.10
N TYR C 102 -10.57 -2.62 -7.95
CA TYR C 102 -9.66 -3.00 -9.03
C TYR C 102 -9.00 -1.79 -9.69
N GLN C 103 -9.03 -0.60 -9.03
CA GLN C 103 -8.36 0.56 -9.56
C GLN C 103 -6.87 0.30 -9.45
N HIS C 104 -6.12 0.83 -10.42
CA HIS C 104 -4.67 0.76 -10.48
C HIS C 104 -4.24 -0.71 -10.66
N ASP C 105 -4.96 -1.45 -11.54
CA ASP C 105 -4.69 -2.86 -11.77
C ASP C 105 -3.59 -3.10 -12.78
N LEU C 106 -2.38 -2.88 -12.39
CA LEU C 106 -1.22 -3.12 -13.23
C LEU C 106 -0.01 -3.55 -12.42
N ALA C 107 0.84 -4.39 -13.03
CA ALA C 107 2.03 -4.90 -12.38
C ALA C 107 3.13 -5.13 -13.40
N LEU C 108 4.37 -4.98 -13.01
CA LEU C 108 5.52 -5.22 -13.86
C LEU C 108 6.30 -6.46 -13.35
N LEU C 109 6.69 -7.35 -14.26
CA LEU C 109 7.50 -8.51 -13.93
C LEU C 109 8.85 -8.25 -14.54
N ARG C 110 9.91 -8.30 -13.73
CA ARG C 110 11.24 -8.14 -14.22
C ARG C 110 11.76 -9.55 -14.48
N LEU C 111 11.99 -9.88 -15.76
CA LEU C 111 12.48 -11.20 -16.12
C LEU C 111 13.93 -11.37 -15.67
N GLN C 112 14.31 -12.61 -15.36
CA GLN C 112 15.67 -12.92 -14.93
C GLN C 112 16.63 -12.91 -16.12
N GLU C 113 17.63 -12.04 -16.08
CA GLU C 113 18.63 -11.97 -17.14
C GLU C 113 19.61 -13.12 -16.99
N ASP C 114 20.24 -13.53 -18.09
CA ASP C 114 21.24 -14.57 -18.05
C ASP C 114 22.61 -13.95 -17.67
N ALA C 115 23.67 -14.75 -17.57
CA ALA C 115 25.01 -14.26 -17.23
C ALA C 115 25.47 -13.06 -18.09
N ASP C 116 24.93 -12.95 -19.32
CA ASP C 116 25.28 -11.91 -20.28
C ASP C 116 24.33 -10.68 -20.31
N GLY C 117 23.37 -10.63 -19.39
CA GLY C 117 22.42 -9.52 -19.29
C GLY C 117 21.26 -9.59 -20.27
N SER C 118 21.03 -10.76 -20.86
CA SER C 118 19.96 -10.93 -21.82
C SER C 118 18.73 -11.63 -21.21
N CYS C 119 17.52 -11.17 -21.56
CA CYS C 119 16.29 -11.82 -21.10
C CYS C 119 15.62 -12.44 -22.34
N ALA C 120 14.58 -11.80 -22.93
CA ALA C 120 13.93 -12.30 -24.13
C ALA C 120 14.84 -12.09 -25.34
N LEU C 121 15.02 -13.14 -26.13
CA LEU C 121 15.79 -13.07 -27.36
C LEU C 121 14.78 -12.80 -28.48
N LEU C 122 14.90 -11.65 -29.16
CA LEU C 122 13.90 -11.28 -30.14
C LEU C 122 14.02 -12.10 -31.42
N SER C 123 12.87 -12.37 -32.02
CA SER C 123 12.74 -13.16 -33.23
C SER C 123 11.42 -12.78 -33.95
N PRO C 124 11.14 -13.33 -35.17
CA PRO C 124 9.84 -13.05 -35.81
C PRO C 124 8.64 -13.41 -34.93
N TYR C 125 8.85 -14.31 -33.95
CA TYR C 125 7.80 -14.84 -33.08
C TYR C 125 7.76 -14.22 -31.68
N VAL C 126 8.83 -13.52 -31.26
CA VAL C 126 8.91 -12.89 -29.93
C VAL C 126 9.42 -11.45 -30.11
N GLN C 127 8.54 -10.48 -29.94
CA GLN C 127 8.87 -9.05 -30.15
C GLN C 127 8.13 -8.24 -29.10
N PRO C 128 8.73 -7.15 -28.56
CA PRO C 128 7.98 -6.33 -27.61
C PRO C 128 6.85 -5.55 -28.29
N VAL C 129 5.82 -5.21 -27.52
CA VAL C 129 4.70 -4.41 -27.99
C VAL C 129 5.00 -2.93 -27.67
N CYS C 130 4.49 -1.99 -28.50
CA CYS C 130 4.73 -0.58 -28.21
C CYS C 130 3.87 -0.12 -27.07
N LEU C 131 4.32 0.91 -26.34
CA LEU C 131 3.50 1.55 -25.33
C LEU C 131 2.80 2.76 -26.02
N PRO C 132 1.63 3.21 -25.53
CA PRO C 132 0.99 4.39 -26.17
C PRO C 132 1.86 5.64 -26.12
N SER C 133 1.54 6.62 -26.96
CA SER C 133 2.28 7.88 -27.01
C SER C 133 1.76 8.86 -25.95
N LEU C 143 -8.41 -0.18 -35.17
CA LEU C 143 -8.34 -1.63 -35.16
C LEU C 143 -7.70 -2.15 -33.87
N CYS C 144 -8.54 -2.60 -32.93
CA CYS C 144 -8.08 -3.11 -31.65
C CYS C 144 -8.55 -4.53 -31.38
N GLN C 145 -7.69 -5.30 -30.72
CA GLN C 145 -7.93 -6.70 -30.44
C GLN C 145 -7.58 -7.05 -29.00
N VAL C 146 -8.41 -7.91 -28.40
CA VAL C 146 -8.15 -8.49 -27.09
C VAL C 146 -7.70 -9.95 -27.37
N ALA C 147 -6.67 -10.41 -26.66
CA ALA C 147 -6.16 -11.76 -26.86
C ALA C 147 -5.95 -12.52 -25.55
N GLY C 148 -6.11 -13.83 -25.60
CA GLY C 148 -5.88 -14.64 -24.41
C GLY C 148 -6.31 -16.10 -24.49
N TRP C 149 -5.90 -16.86 -23.50
CA TRP C 149 -6.22 -18.28 -23.41
C TRP C 149 -7.32 -18.58 -22.42
N GLY C 150 -8.12 -17.59 -22.04
CA GLY C 150 -9.18 -17.79 -21.07
C GLY C 150 -10.37 -18.53 -21.60
N HIS C 151 -11.42 -18.65 -20.76
CA HIS C 151 -12.65 -19.31 -21.09
C HIS C 151 -13.30 -18.71 -22.32
N GLN C 152 -13.77 -19.54 -23.26
CA GLN C 152 -14.44 -19.06 -24.48
C GLN C 152 -15.94 -18.69 -24.27
N PHE C 153 -16.43 -18.89 -23.06
CA PHE C 153 -17.76 -18.53 -22.58
C PHE C 153 -17.77 -18.64 -21.07
N GLU C 154 -18.51 -17.76 -20.37
CA GLU C 154 -18.58 -17.81 -18.91
C GLU C 154 -19.06 -19.20 -18.43
N GLY C 155 -18.36 -19.78 -17.47
CA GLY C 155 -18.70 -21.10 -16.98
C GLY C 155 -18.04 -22.23 -17.74
N ALA C 156 -17.18 -21.94 -18.74
CA ALA C 156 -16.48 -22.99 -19.49
C ALA C 156 -15.63 -23.82 -18.54
N GLU C 157 -15.64 -25.15 -18.74
CA GLU C 157 -14.87 -26.02 -17.86
C GLU C 157 -13.37 -25.88 -18.07
N GLU C 158 -12.93 -25.48 -19.28
CA GLU C 158 -11.51 -25.39 -19.58
C GLU C 158 -11.07 -24.08 -20.24
N TYR C 159 -9.80 -23.73 -20.05
CA TYR C 159 -9.21 -22.58 -20.71
C TYR C 159 -9.05 -22.98 -22.18
N ALA C 160 -8.95 -21.98 -23.07
CA ALA C 160 -8.76 -22.23 -24.50
C ALA C 160 -7.41 -22.90 -24.72
N SER C 161 -7.36 -23.95 -25.59
CA SER C 161 -6.10 -24.65 -25.88
C SER C 161 -5.22 -23.75 -26.72
N PHE C 162 -5.79 -23.11 -27.74
CA PHE C 162 -5.04 -22.19 -28.58
C PHE C 162 -5.33 -20.76 -28.13
N LEU C 163 -4.38 -19.88 -28.28
CA LEU C 163 -4.58 -18.45 -28.04
C LEU C 163 -5.74 -17.93 -28.91
N GLN C 164 -6.63 -17.14 -28.34
CA GLN C 164 -7.76 -16.58 -29.04
C GLN C 164 -7.55 -15.07 -29.17
N GLU C 165 -8.16 -14.51 -30.20
CA GLU C 165 -8.15 -13.08 -30.41
C GLU C 165 -9.50 -12.61 -30.91
N ALA C 166 -9.94 -11.43 -30.45
CA ALA C 166 -11.19 -10.88 -30.91
C ALA C 166 -11.07 -9.37 -31.10
N GLN C 167 -11.74 -8.84 -32.12
CA GLN C 167 -11.69 -7.41 -32.40
C GLN C 167 -12.76 -6.71 -31.56
N VAL C 168 -12.33 -5.74 -30.75
CA VAL C 168 -13.24 -4.99 -29.89
C VAL C 168 -12.91 -3.51 -29.97
N PRO C 169 -13.93 -2.67 -30.12
CA PRO C 169 -13.69 -1.23 -30.19
C PRO C 169 -13.69 -0.57 -28.81
N PHE C 170 -13.08 0.61 -28.70
CA PHE C 170 -13.13 1.36 -27.45
C PHE C 170 -14.55 1.86 -27.20
N LEU C 171 -14.92 1.98 -25.94
CA LEU C 171 -16.20 2.54 -25.57
C LEU C 171 -15.88 3.76 -24.73
N SER C 172 -16.52 4.90 -25.04
CA SER C 172 -16.25 6.14 -24.30
C SER C 172 -16.57 5.99 -22.82
N LEU C 173 -15.89 6.78 -21.96
CA LEU C 173 -16.16 6.80 -20.52
C LEU C 173 -17.63 7.20 -20.26
N GLU C 174 -18.19 8.09 -21.09
CA GLU C 174 -19.60 8.48 -20.99
C GLU C 174 -20.52 7.27 -21.15
N ARG C 175 -20.28 6.43 -22.19
CA ARG C 175 -21.13 5.25 -22.39
C ARG C 175 -20.86 4.14 -21.36
N CYS C 176 -19.59 3.88 -20.99
CA CYS C 176 -19.30 2.80 -20.01
C CYS C 176 -19.75 3.13 -18.60
N SER C 177 -19.72 4.40 -18.22
CA SER C 177 -20.14 4.81 -16.87
C SER C 177 -21.65 5.02 -16.75
N ALA C 178 -22.44 4.70 -17.79
CA ALA C 178 -23.90 4.83 -17.74
C ALA C 178 -24.43 3.83 -16.69
N PRO C 179 -25.59 4.11 -16.05
CA PRO C 179 -26.08 3.19 -15.01
C PRO C 179 -26.39 1.77 -15.47
N ASP C 180 -26.85 1.58 -16.72
CA ASP C 180 -27.13 0.23 -17.21
C ASP C 180 -25.85 -0.51 -17.67
N VAL C 181 -24.71 0.21 -17.80
CA VAL C 181 -23.44 -0.40 -18.17
C VAL C 181 -22.62 -0.70 -16.88
N HIS C 182 -21.62 0.11 -16.48
CA HIS C 182 -20.86 -0.13 -15.26
C HIS C 182 -20.98 0.96 -14.20
N GLY C 183 -21.72 2.04 -14.49
CA GLY C 183 -21.95 3.11 -13.54
C GLY C 183 -20.70 3.69 -12.89
N SER C 184 -20.77 3.88 -11.57
CA SER C 184 -19.68 4.43 -10.77
C SER C 184 -18.49 3.47 -10.59
N SER C 185 -18.56 2.25 -11.14
CA SER C 185 -17.46 1.29 -11.03
C SER C 185 -16.25 1.68 -11.89
N ILE C 186 -16.46 2.47 -12.96
CA ILE C 186 -15.39 2.91 -13.83
C ILE C 186 -14.69 4.08 -13.20
N LEU C 187 -13.45 3.85 -12.77
CA LEU C 187 -12.64 4.86 -12.09
C LEU C 187 -11.47 5.32 -12.94
N PRO C 188 -10.86 6.48 -12.62
CA PRO C 188 -9.67 6.91 -13.36
C PRO C 188 -8.60 5.81 -13.44
N GLY C 189 -8.08 5.62 -14.63
CA GLY C 189 -7.09 4.57 -14.87
C GLY C 189 -7.69 3.37 -15.58
N MET C 190 -9.02 3.31 -15.70
CA MET C 190 -9.73 2.21 -16.37
C MET C 190 -10.30 2.70 -17.70
N LEU C 191 -10.49 1.76 -18.60
CA LEU C 191 -11.15 2.01 -19.88
C LEU C 191 -12.00 0.80 -20.23
N CYS C 192 -12.98 1.00 -21.09
CA CYS C 192 -13.83 -0.11 -21.51
C CYS C 192 -13.68 -0.32 -22.99
N ALA C 193 -13.81 -1.56 -23.37
CA ALA C 193 -13.70 -1.94 -24.77
C ALA C 193 -14.61 -3.11 -25.01
N GLY C 194 -15.29 -3.09 -26.14
CA GLY C 194 -16.21 -4.15 -26.49
C GLY C 194 -17.50 -3.66 -27.11
N PHE C 195 -18.57 -4.41 -26.87
CA PHE C 195 -19.85 -4.11 -27.50
C PHE C 195 -20.94 -4.10 -26.48
N LEU C 196 -21.82 -3.10 -26.55
CA LEU C 196 -22.98 -3.09 -25.69
C LEU C 196 -23.99 -4.18 -26.09
N GLU C 197 -23.92 -4.68 -27.35
CA GLU C 197 -24.75 -5.79 -27.81
C GLU C 197 -24.28 -7.14 -27.19
N GLY C 198 -23.02 -7.20 -26.73
CA GLY C 198 -22.43 -8.41 -26.16
C GLY C 198 -21.86 -9.31 -27.23
N GLY C 199 -21.56 -10.56 -26.86
CA GLY C 199 -21.09 -11.60 -27.75
C GLY C 199 -19.59 -11.72 -27.96
N THR C 200 -18.84 -10.63 -27.79
CA THR C 200 -17.39 -10.59 -28.01
C THR C 200 -16.71 -9.84 -26.86
N ASP C 201 -15.77 -10.51 -26.16
CA ASP C 201 -15.19 -9.89 -24.96
C ASP C 201 -14.11 -10.77 -24.34
N ALA C 202 -13.39 -10.25 -23.36
CA ALA C 202 -12.47 -11.03 -22.53
C ALA C 202 -13.33 -11.88 -21.54
N CYS C 203 -12.72 -12.90 -20.94
CA CYS C 203 -13.43 -13.74 -19.96
C CYS C 203 -12.43 -14.21 -18.88
N GLN C 204 -12.90 -15.02 -17.91
CA GLN C 204 -12.07 -15.61 -16.86
C GLN C 204 -10.88 -16.36 -17.47
N GLY C 205 -9.69 -16.05 -17.01
CA GLY C 205 -8.48 -16.63 -17.54
C GLY C 205 -7.71 -15.73 -18.48
N ASP C 206 -8.34 -14.64 -18.96
CA ASP C 206 -7.67 -13.65 -19.80
C ASP C 206 -6.94 -12.55 -19.01
N SER C 207 -7.08 -12.56 -17.68
CA SER C 207 -6.43 -11.63 -16.75
C SER C 207 -5.01 -11.30 -17.13
N GLY C 208 -4.70 -10.03 -17.16
CA GLY C 208 -3.34 -9.58 -17.43
C GLY C 208 -2.98 -9.46 -18.89
N GLY C 209 -3.80 -10.05 -19.77
CA GLY C 209 -3.54 -10.04 -21.20
C GLY C 209 -3.71 -8.69 -21.85
N PRO C 210 -3.48 -8.66 -23.15
CA PRO C 210 -3.51 -7.39 -23.88
C PRO C 210 -4.80 -6.99 -24.58
N LEU C 211 -4.95 -5.65 -24.68
CA LEU C 211 -5.91 -4.99 -25.55
C LEU C 211 -4.94 -4.17 -26.41
N VAL C 212 -4.67 -4.60 -27.65
CA VAL C 212 -3.69 -3.95 -28.51
C VAL C 212 -4.36 -3.30 -29.71
N CYS C 213 -3.79 -2.19 -30.16
CA CYS C 213 -4.33 -1.49 -31.34
C CYS C 213 -3.25 -1.37 -32.40
N GLU C 214 -3.64 -1.34 -33.68
CA GLU C 214 -2.64 -1.12 -34.73
C GLU C 214 -2.61 0.42 -34.86
N ASP C 215 -1.48 1.05 -34.53
CA ASP C 215 -1.33 2.50 -34.57
C ASP C 215 -1.13 3.01 -36.02
N GLN C 216 -2.18 3.56 -36.65
CA GLN C 216 -2.10 4.09 -38.02
C GLN C 216 -0.99 5.11 -38.19
N ALA C 217 -0.81 6.00 -37.19
CA ALA C 217 0.23 7.03 -37.26
C ALA C 217 1.65 6.50 -37.20
N ALA C 218 1.83 5.21 -36.82
CA ALA C 218 3.15 4.63 -36.69
C ALA C 218 3.29 3.30 -37.43
N GLU C 219 2.88 3.28 -38.73
CA GLU C 219 2.98 2.12 -39.61
C GLU C 219 2.26 0.87 -39.10
N ARG C 220 1.10 1.08 -38.44
CA ARG C 220 0.23 0.04 -37.88
C ARG C 220 0.89 -0.82 -36.80
N ARG C 221 1.95 -0.31 -36.15
CA ARG C 221 2.63 -1.08 -35.10
C ARG C 221 1.72 -1.36 -33.94
N LEU C 222 1.74 -2.62 -33.46
CA LEU C 222 0.93 -3.05 -32.33
C LEU C 222 1.28 -2.23 -31.10
N THR C 223 0.27 -1.63 -30.52
CA THR C 223 0.42 -0.73 -29.37
C THR C 223 -0.47 -1.19 -28.24
N LEU C 224 0.10 -1.33 -27.04
CA LEU C 224 -0.68 -1.82 -25.90
C LEU C 224 -1.51 -0.67 -25.29
N GLN C 225 -2.82 -0.71 -25.44
CA GLN C 225 -3.68 0.33 -24.89
C GLN C 225 -4.36 -0.08 -23.59
N GLY C 226 -4.53 -1.38 -23.38
CA GLY C 226 -5.19 -1.86 -22.17
C GLY C 226 -4.67 -3.18 -21.66
N ILE C 227 -4.88 -3.43 -20.37
CA ILE C 227 -4.55 -4.68 -19.70
C ILE C 227 -5.87 -5.28 -19.22
N ILE C 228 -6.16 -6.55 -19.56
CA ILE C 228 -7.43 -7.18 -19.19
C ILE C 228 -7.52 -7.25 -17.67
N SER C 229 -8.49 -6.51 -17.12
CA SER C 229 -8.62 -6.35 -15.67
C SER C 229 -9.86 -7.06 -15.07
N TRP C 230 -11.08 -6.61 -15.41
CA TRP C 230 -12.28 -7.21 -14.82
C TRP C 230 -13.51 -7.05 -15.69
N GLY C 231 -14.55 -7.81 -15.37
CA GLY C 231 -15.81 -7.74 -16.07
C GLY C 231 -16.95 -8.32 -15.28
N SER C 232 -18.15 -7.90 -15.61
CA SER C 232 -19.36 -8.42 -15.01
C SER C 232 -19.82 -9.40 -16.08
N GLY C 233 -19.48 -10.66 -15.92
CA GLY C 233 -19.77 -11.66 -16.93
C GLY C 233 -18.79 -11.61 -18.08
N CYS C 234 -19.08 -12.36 -19.14
CA CYS C 234 -18.25 -12.41 -20.34
C CYS C 234 -19.17 -12.27 -21.54
N GLY C 235 -19.06 -11.16 -22.27
CA GLY C 235 -19.88 -10.97 -23.46
C GLY C 235 -21.35 -10.74 -23.18
N ASP C 236 -21.69 -10.30 -21.97
CA ASP C 236 -23.09 -10.03 -21.64
C ASP C 236 -23.51 -8.69 -22.27
N ARG C 237 -24.82 -8.51 -22.51
CA ARG C 237 -25.33 -7.24 -23.02
C ARG C 237 -25.03 -6.13 -22.00
N ASN C 238 -24.60 -4.96 -22.47
CA ASN C 238 -24.30 -3.80 -21.64
C ASN C 238 -23.18 -4.01 -20.64
N LYS C 239 -22.40 -5.10 -20.74
CA LYS C 239 -21.33 -5.36 -19.80
C LYS C 239 -20.01 -5.62 -20.53
N PRO C 240 -19.43 -4.59 -21.15
CA PRO C 240 -18.15 -4.78 -21.82
C PRO C 240 -17.00 -4.93 -20.82
N GLY C 241 -15.92 -5.56 -21.25
CA GLY C 241 -14.75 -5.74 -20.41
C GLY C 241 -14.10 -4.42 -20.03
N VAL C 242 -13.54 -4.40 -18.82
CA VAL C 242 -12.84 -3.28 -18.25
C VAL C 242 -11.37 -3.60 -18.18
N TYR C 243 -10.60 -2.66 -18.69
CA TYR C 243 -9.18 -2.78 -18.85
C TYR C 243 -8.47 -1.67 -18.10
N THR C 244 -7.22 -1.92 -17.71
CA THR C 244 -6.39 -0.88 -17.15
C THR C 244 -5.93 -0.05 -18.36
N ASP C 245 -6.10 1.26 -18.28
CA ASP C 245 -5.73 2.21 -19.32
C ASP C 245 -4.24 2.46 -19.24
N VAL C 246 -3.47 1.79 -20.12
CA VAL C 246 -2.02 1.86 -20.13
C VAL C 246 -1.49 3.28 -20.31
N ALA C 247 -2.13 4.10 -21.17
CA ALA C 247 -1.67 5.48 -21.38
C ALA C 247 -1.70 6.28 -20.06
N TYR C 248 -2.69 6.02 -19.22
CA TYR C 248 -2.85 6.67 -17.92
C TYR C 248 -1.64 6.45 -16.99
N TYR C 249 -0.95 5.30 -17.15
CA TYR C 249 0.18 4.93 -16.32
C TYR C 249 1.53 4.98 -17.02
N LEU C 250 1.63 5.62 -18.19
CA LEU C 250 2.90 5.69 -18.94
C LEU C 250 4.10 6.13 -18.11
N ALA C 251 3.95 7.20 -17.29
CA ALA C 251 5.08 7.68 -16.50
C ALA C 251 5.44 6.68 -15.42
N TRP C 252 4.44 6.04 -14.77
CA TRP C 252 4.69 5.01 -13.74
C TRP C 252 5.48 3.86 -14.38
N ILE C 253 5.03 3.36 -15.57
CA ILE C 253 5.74 2.28 -16.27
C ILE C 253 7.17 2.68 -16.61
N ARG C 254 7.36 3.87 -17.20
CA ARG C 254 8.72 4.34 -17.54
C ARG C 254 9.60 4.49 -16.29
N GLU C 255 8.99 4.92 -15.18
CA GLU C 255 9.69 5.14 -13.91
C GLU C 255 10.18 3.83 -13.34
N HIS C 256 9.36 2.77 -13.43
CA HIS C 256 9.72 1.51 -12.80
C HIS C 256 10.31 0.46 -13.76
N THR C 257 10.67 0.85 -15.00
CA THR C 257 11.32 -0.07 -15.94
C THR C 257 12.73 0.37 -16.29
N VAL C 258 13.41 1.11 -15.39
CA VAL C 258 14.78 1.52 -15.63
C VAL C 258 15.71 0.38 -15.24
#